data_4XPG
#
_entry.id   4XPG
#
_cell.length_a   97.110
_cell.length_b   140.080
_cell.length_c   167.440
_cell.angle_alpha   90.000
_cell.angle_beta   90.000
_cell.angle_gamma   90.000
#
_symmetry.space_group_name_H-M   'P 21 21 21'
#
loop_
_entity.id
_entity.type
_entity.pdbx_description
1 polymer 'Dopamine transporter'
2 polymer 'antibody fragment light chain'
3 polymer 'antibody fragment heavy chain'
4 non-polymer 'methyl (1R,2S,3S,5S)-3-(4-fluorophenyl)-8-methyl-8-azabicyclo[3.2.1]octane-2-carboxylate'
5 non-polymer CHOLESTEROL
6 non-polymer 'CHLORIDE ION'
7 non-polymer 'SODIUM ION'
#
loop_
_entity_poly.entity_id
_entity_poly.type
_entity_poly.pdbx_seq_one_letter_code
_entity_poly.pdbx_strand_id
1 'polypeptide(L)'
;MNSISDERETWSGKVDFLLSVIGFAVDLANVWRFPYLCYKNGGGAFLVPYGIMLAVGGIPLFYMELALGQHNRKGAITCW
GRLVPLFKGIGYAVVLIAFYVGFYYNVIIAWSLRFFFASFTNSLPWTSCNNIWNTPNCRPFESQGFQSAASEYFNRYILE
LNRSEGIHDLGAIKWDMALCLLIVYLICYFSLWKGISTSGKVVWFTALFPYAALLILLIRGLTLPGSFLGIQYYLTPNFS
AIYKAEVWADAATQVFFSLGPGFGVLLAYASYNKYHNNVYKDALLTSFINSATSFIAGFVIFSVLGYMAHTLGVRIEDVA
TEGPGLVFVVYPAAIATMPASTFWALIFFMMLATLGLDSSFGGMEAIITALSDEFPKIKRNRELFVAGLFSLYFVVGLAS
CTQGGFYFFHLLDRYAAGYSILVAVFFEAIAVSWIYGTNRFSEDIRDMIGFPPGRYWQVCWRFVAPIFLLFITVYLLIGY
EPLTYADYVYPSWANALGWCIAGSSVVMIPAVAIFKLLSTPGSLRQRFTILTTPWRDQQLVPR
;
A
2 'polypeptide(L)'
;MDFQVQIFSFLLISASVAMSRGENVLTQSPAIMSTSPGEKVTMTCRASSSVGSSYLHWYQQKSGASPKLWIYSTSNLASG
VPARFSGSGSGTSYSLTISSVEAEDAATYYCQQFSGYPLTFGSGTKLEMKRADAAPTVSIFPPSSEQLTSGGASVVCFLN
NFYPKDINVKWKIDGSERQNGVLNSWTDQDSKDSTYSMSSTLTLTKDEYERHNSYTCEATHKTSTSPIVKSFNRNEC
;
L
3 'polypeptide(L)'
;(UNK)MNFGLRLVFLVLILKGVQCEVQLVESGGGLVKPGGSLKLSCAASGFTFSSYAMSWVRQSPEKRLEWVAEISSGGR
YIYYSDTVTGRFTISRDNARNILHLEMSSLRSEDTAMYYCARGEVRQRGFDYWGQGTTLTVSSAKTTAPSVYPLAPVCGD
TTGSSVTLGCLVKGYFPEPVTLTWNSGSLSSGVHTFPAVLQSDLYTLSSSVTVTSSTWPSQSITCNVAHPASSTKVDKKI
EPRGP
;
H
#
# COMPACT_ATOMS: atom_id res chain seq x y z
N ASP A 6 -1.91 21.56 -10.35
CA ASP A 6 -1.92 20.17 -9.91
C ASP A 6 -1.66 20.06 -8.42
N GLU A 7 -0.75 20.90 -7.92
CA GLU A 7 -0.28 20.83 -6.55
C GLU A 7 -1.18 21.56 -5.56
N ARG A 8 -1.65 20.84 -4.55
CA ARG A 8 -2.34 21.46 -3.43
C ARG A 8 -1.46 21.37 -2.19
N GLU A 9 -1.85 22.07 -1.13
CA GLU A 9 -1.10 22.05 0.11
C GLU A 9 -1.20 20.70 0.80
N THR A 10 -0.32 20.46 1.77
CA THR A 10 -0.32 19.21 2.51
C THR A 10 -0.10 19.46 4.00
N TRP A 11 -0.37 18.45 4.81
CA TRP A 11 -0.19 18.55 6.26
C TRP A 11 1.27 18.86 6.60
N SER A 12 1.48 19.89 7.41
CA SER A 12 2.83 20.25 7.84
C SER A 12 3.30 19.33 8.96
N GLY A 13 3.22 18.03 8.70
CA GLY A 13 3.54 17.02 9.71
C GLY A 13 2.50 15.91 9.70
N LYS A 14 2.95 14.69 9.91
CA LYS A 14 2.06 13.52 9.88
C LYS A 14 1.06 13.54 11.03
N VAL A 15 1.52 13.92 12.22
CA VAL A 15 0.69 13.93 13.41
C VAL A 15 -0.48 14.90 13.29
N ASP A 16 -0.27 15.99 12.56
CA ASP A 16 -1.30 16.99 12.33
C ASP A 16 -2.57 16.37 11.74
N PHE A 17 -2.39 15.55 10.71
CA PHE A 17 -3.49 14.84 10.08
C PHE A 17 -4.17 13.90 11.06
N LEU A 18 -3.38 13.06 11.72
CA LEU A 18 -3.90 12.06 12.64
C LEU A 18 -4.68 12.70 13.78
N LEU A 19 -4.11 13.73 14.39
CA LEU A 19 -4.79 14.45 15.48
C LEU A 19 -6.06 15.14 15.00
N SER A 20 -6.08 15.50 13.72
CA SER A 20 -7.27 16.12 13.14
C SER A 20 -8.39 15.09 12.97
N VAL A 21 -8.00 13.88 12.55
CA VAL A 21 -8.97 12.81 12.37
C VAL A 21 -9.35 12.19 13.71
N ILE A 22 -8.36 12.05 14.59
CA ILE A 22 -8.61 11.63 15.97
C ILE A 22 -9.54 12.64 16.64
N GLY A 23 -9.17 13.92 16.53
CA GLY A 23 -9.94 14.99 17.14
C GLY A 23 -11.38 15.04 16.68
N PHE A 24 -11.58 14.88 15.37
CA PHE A 24 -12.93 14.90 14.82
C PHE A 24 -13.75 13.70 15.29
N ALA A 25 -13.18 12.51 15.17
CA ALA A 25 -13.88 11.27 15.49
C ALA A 25 -14.22 11.18 16.98
N VAL A 26 -13.31 11.68 17.83
CA VAL A 26 -13.53 11.66 19.27
C VAL A 26 -14.50 12.78 19.66
N ASP A 27 -15.53 12.42 20.43
CA ASP A 27 -16.64 13.33 20.68
C ASP A 27 -17.17 13.04 22.08
N LEU A 28 -18.13 13.84 22.51
CA LEU A 28 -18.76 13.64 23.80
C LEU A 28 -19.64 12.40 23.72
N ALA A 29 -19.95 11.99 22.48
CA ALA A 29 -20.67 10.75 22.23
C ALA A 29 -19.88 9.55 22.75
N ASN A 30 -18.56 9.68 22.77
CA ASN A 30 -17.69 8.67 23.37
C ASN A 30 -17.81 8.67 24.89
N VAL A 31 -18.38 9.74 25.44
CA VAL A 31 -18.55 9.83 26.88
C VAL A 31 -19.94 9.41 27.36
N TRP A 32 -20.98 9.91 26.69
CA TRP A 32 -22.34 9.59 27.07
C TRP A 32 -23.04 8.70 26.09
N ARG A 33 -22.69 8.60 24.85
CA ARG A 33 -23.43 7.56 24.20
C ARG A 33 -22.94 6.22 24.67
N PHE A 34 -21.64 6.03 24.69
CA PHE A 34 -21.09 4.70 24.87
C PHE A 34 -21.17 4.03 26.21
N PRO A 35 -20.71 4.67 27.27
CA PRO A 35 -20.73 3.95 28.56
C PRO A 35 -22.14 3.57 29.01
N TYR A 36 -23.13 4.33 28.55
CA TYR A 36 -24.52 4.03 28.82
C TYR A 36 -24.96 2.75 28.09
N LEU A 37 -24.51 2.60 26.85
CA LEU A 37 -24.89 1.45 26.05
C LEU A 37 -24.33 0.14 26.62
N CYS A 38 -23.10 0.21 27.13
CA CYS A 38 -22.50 -0.94 27.80
C CYS A 38 -23.30 -1.29 29.05
N TYR A 39 -23.83 -0.27 29.71
CA TYR A 39 -24.61 -0.44 30.93
C TYR A 39 -25.93 -1.15 30.68
N LYS A 40 -26.68 -0.70 29.67
CA LYS A 40 -28.03 -1.19 29.45
C LYS A 40 -28.08 -2.46 28.60
N ASN A 41 -27.00 -2.76 27.89
CA ASN A 41 -27.01 -3.89 26.97
C ASN A 41 -26.03 -5.01 27.34
N GLY A 42 -25.96 -5.33 28.63
CA GLY A 42 -25.27 -6.53 29.08
C GLY A 42 -23.79 -6.40 29.41
N GLY A 43 -23.40 -5.25 29.95
CA GLY A 43 -22.04 -5.06 30.44
C GLY A 43 -20.94 -5.31 29.42
N GLY A 44 -19.93 -6.06 29.83
CA GLY A 44 -18.79 -6.37 28.98
C GLY A 44 -19.14 -7.24 27.78
N ALA A 45 -20.29 -7.91 27.86
CA ALA A 45 -20.75 -8.75 26.76
C ALA A 45 -21.13 -7.90 25.55
N PHE A 46 -21.48 -6.64 25.79
CA PHE A 46 -21.84 -5.72 24.72
C PHE A 46 -20.66 -5.44 23.80
N LEU A 47 -19.45 -5.70 24.29
CA LEU A 47 -18.25 -5.47 23.49
C LEU A 47 -18.14 -6.48 22.35
N VAL A 48 -18.89 -7.57 22.44
CA VAL A 48 -18.87 -8.59 21.39
C VAL A 48 -19.65 -8.14 20.15
N PRO A 49 -20.91 -7.68 20.30
CA PRO A 49 -21.52 -7.15 19.08
C PRO A 49 -20.87 -5.83 18.66
N TYR A 50 -20.39 -5.06 19.62
CA TYR A 50 -19.70 -3.80 19.34
C TYR A 50 -18.44 -4.06 18.53
N GLY A 51 -17.66 -5.05 18.96
CA GLY A 51 -16.41 -5.39 18.30
C GLY A 51 -16.62 -5.93 16.90
N ILE A 52 -17.61 -6.80 16.74
CA ILE A 52 -17.92 -7.40 15.45
C ILE A 52 -18.45 -6.35 14.46
N MET A 53 -19.40 -5.54 14.93
CA MET A 53 -19.97 -4.49 14.09
C MET A 53 -18.92 -3.44 13.73
N LEU A 54 -17.92 -3.28 14.58
CA LEU A 54 -16.83 -2.36 14.32
C LEU A 54 -15.92 -2.94 13.23
N ALA A 55 -15.71 -4.25 13.29
CA ALA A 55 -14.78 -4.92 12.38
C ALA A 55 -15.34 -5.10 10.98
N VAL A 56 -16.63 -5.37 10.88
CA VAL A 56 -17.23 -5.69 9.58
C VAL A 56 -18.03 -4.52 9.00
N GLY A 57 -18.34 -3.53 9.83
CA GLY A 57 -19.17 -2.42 9.42
C GLY A 57 -18.53 -1.05 9.51
N GLY A 58 -18.13 -0.67 10.72
CA GLY A 58 -17.60 0.66 10.96
C GLY A 58 -16.26 0.95 10.30
N ILE A 59 -15.22 0.27 10.77
CA ILE A 59 -13.87 0.46 10.26
C ILE A 59 -13.75 0.33 8.73
N PRO A 60 -14.46 -0.64 8.11
CA PRO A 60 -14.42 -0.66 6.64
C PRO A 60 -14.92 0.64 6.00
N LEU A 61 -15.97 1.24 6.56
CA LEU A 61 -16.49 2.50 6.04
C LEU A 61 -15.57 3.67 6.37
N PHE A 62 -15.00 3.64 7.57
CA PHE A 62 -14.05 4.65 8.01
C PHE A 62 -12.81 4.64 7.11
N TYR A 63 -12.40 3.44 6.73
CA TYR A 63 -11.28 3.24 5.82
C TYR A 63 -11.60 3.78 4.42
N MET A 64 -12.78 3.44 3.92
CA MET A 64 -13.17 3.75 2.55
C MET A 64 -13.10 5.24 2.22
N GLU A 65 -13.70 6.07 3.07
CA GLU A 65 -13.75 7.50 2.83
C GLU A 65 -12.36 8.13 2.93
N LEU A 66 -11.56 7.64 3.87
CA LEU A 66 -10.19 8.11 4.03
C LEU A 66 -9.36 7.79 2.79
N ALA A 67 -9.53 6.58 2.27
CA ALA A 67 -8.83 6.15 1.07
C ALA A 67 -9.23 7.00 -0.14
N LEU A 68 -10.52 7.31 -0.22
CA LEU A 68 -11.02 8.15 -1.30
C LEU A 68 -10.47 9.57 -1.22
N GLY A 69 -10.28 10.06 0.00
CA GLY A 69 -9.76 11.39 0.22
C GLY A 69 -8.33 11.52 -0.27
N GLN A 70 -7.47 10.61 0.20
CA GLN A 70 -6.06 10.65 -0.15
C GLN A 70 -5.82 10.35 -1.63
N HIS A 71 -6.77 9.67 -2.26
CA HIS A 71 -6.62 9.27 -3.66
C HIS A 71 -7.03 10.37 -4.63
N ASN A 72 -8.29 10.78 -4.58
CA ASN A 72 -8.82 11.76 -5.52
C ASN A 72 -8.39 13.19 -5.19
N ARG A 73 -7.74 13.35 -4.03
CA ARG A 73 -7.06 14.58 -3.65
C ARG A 73 -7.96 15.82 -3.53
N LYS A 74 -9.27 15.63 -3.55
CA LYS A 74 -10.18 16.78 -3.50
C LYS A 74 -11.37 16.58 -2.55
N GLY A 75 -12.07 17.68 -2.28
CA GLY A 75 -13.17 17.69 -1.33
C GLY A 75 -14.37 16.85 -1.71
N ALA A 76 -15.36 16.80 -0.82
CA ALA A 76 -16.52 15.92 -0.96
C ALA A 76 -17.27 16.07 -2.27
N ILE A 77 -17.51 17.31 -2.68
CA ILE A 77 -18.27 17.57 -3.89
C ILE A 77 -17.52 17.14 -5.14
N THR A 78 -16.24 17.50 -5.22
CA THR A 78 -15.42 17.21 -6.38
C THR A 78 -15.01 15.74 -6.44
N CYS A 79 -14.76 15.14 -5.29
CA CYS A 79 -14.34 13.74 -5.22
C CYS A 79 -15.38 12.80 -5.81
N TRP A 80 -16.64 13.02 -5.45
CA TRP A 80 -17.73 12.19 -5.95
C TRP A 80 -18.12 12.58 -7.37
N GLY A 81 -17.88 13.84 -7.72
CA GLY A 81 -18.12 14.30 -9.07
C GLY A 81 -17.14 13.66 -10.03
N ARG A 82 -15.92 13.44 -9.57
CA ARG A 82 -14.88 12.83 -10.37
C ARG A 82 -14.99 11.30 -10.36
N LEU A 83 -15.40 10.75 -9.22
CA LEU A 83 -15.56 9.31 -9.09
C LEU A 83 -16.70 8.82 -9.96
N VAL A 84 -17.92 9.28 -9.65
CA VAL A 84 -19.09 8.97 -10.45
C VAL A 84 -19.92 10.23 -10.68
N PRO A 85 -19.81 10.81 -11.89
CA PRO A 85 -20.51 12.05 -12.27
C PRO A 85 -22.01 12.00 -12.03
N LEU A 86 -22.63 10.84 -12.22
CA LEU A 86 -24.07 10.67 -11.99
C LEU A 86 -24.42 10.92 -10.53
N PHE A 87 -23.66 10.30 -9.63
CA PHE A 87 -23.89 10.46 -8.20
C PHE A 87 -23.03 11.57 -7.62
N LYS A 88 -22.93 12.68 -8.34
CA LYS A 88 -22.22 13.86 -7.84
C LYS A 88 -23.00 14.48 -6.68
N GLY A 89 -24.31 14.25 -6.67
CA GLY A 89 -25.18 14.75 -5.61
C GLY A 89 -24.81 14.23 -4.23
N ILE A 90 -24.05 13.14 -4.20
CA ILE A 90 -23.54 12.60 -2.94
C ILE A 90 -22.66 13.63 -2.25
N GLY A 91 -21.80 14.28 -3.04
CA GLY A 91 -20.94 15.33 -2.52
C GLY A 91 -21.72 16.50 -1.96
N TYR A 92 -22.81 16.86 -2.65
CA TYR A 92 -23.63 17.99 -2.22
C TYR A 92 -24.43 17.67 -0.97
N ALA A 93 -25.12 16.53 -0.98
CA ALA A 93 -25.92 16.10 0.16
C ALA A 93 -25.09 16.02 1.43
N VAL A 94 -23.87 15.51 1.29
CA VAL A 94 -22.98 15.29 2.41
C VAL A 94 -22.48 16.59 3.03
N VAL A 95 -22.12 17.57 2.19
CA VAL A 95 -21.54 18.82 2.67
C VAL A 95 -22.54 19.65 3.48
N LEU A 96 -23.73 19.85 2.94
CA LEU A 96 -24.71 20.70 3.62
C LEU A 96 -25.30 20.00 4.84
N ILE A 97 -25.09 18.69 4.94
CA ILE A 97 -25.39 17.97 6.19
C ILE A 97 -24.48 18.52 7.28
N ALA A 98 -23.20 18.65 6.94
CA ALA A 98 -22.22 19.21 7.86
C ALA A 98 -22.48 20.70 8.09
N PHE A 99 -23.26 21.30 7.19
CA PHE A 99 -23.65 22.70 7.32
C PHE A 99 -24.81 22.85 8.30
N TYR A 100 -25.73 21.90 8.27
CA TYR A 100 -26.87 21.91 9.18
C TYR A 100 -26.43 21.63 10.62
N VAL A 101 -25.49 20.70 10.76
CA VAL A 101 -25.00 20.29 12.08
C VAL A 101 -24.40 21.47 12.84
N GLY A 102 -23.70 22.35 12.13
CA GLY A 102 -23.07 23.51 12.73
C GLY A 102 -24.05 24.49 13.35
N PHE A 103 -25.33 24.34 13.02
CA PHE A 103 -26.37 25.21 13.55
C PHE A 103 -26.78 24.83 14.98
N TYR A 104 -26.49 23.60 15.38
CA TYR A 104 -26.90 23.13 16.70
C TYR A 104 -25.78 22.48 17.50
N TYR A 105 -24.74 22.00 16.80
CA TYR A 105 -23.67 21.28 17.48
C TYR A 105 -22.77 22.21 18.28
N ASN A 106 -22.58 23.43 17.78
CA ASN A 106 -21.69 24.37 18.43
C ASN A 106 -22.27 24.98 19.71
N VAL A 107 -23.55 24.73 19.97
CA VAL A 107 -24.18 25.24 21.17
C VAL A 107 -23.83 24.37 22.38
N ILE A 108 -23.34 23.16 22.10
CA ILE A 108 -22.90 22.25 23.14
C ILE A 108 -21.58 22.72 23.72
N ILE A 109 -20.70 23.19 22.85
CA ILE A 109 -19.42 23.76 23.27
C ILE A 109 -19.66 25.03 24.07
N ALA A 110 -20.67 25.79 23.66
CA ALA A 110 -21.04 27.03 24.34
C ALA A 110 -21.50 26.75 25.77
N TRP A 111 -22.30 25.70 25.93
CA TRP A 111 -22.75 25.28 27.26
C TRP A 111 -21.58 24.92 28.15
N SER A 112 -20.58 24.27 27.56
CA SER A 112 -19.40 23.85 28.30
C SER A 112 -18.57 25.05 28.75
N LEU A 113 -18.60 26.13 27.97
CA LEU A 113 -17.89 27.34 28.30
C LEU A 113 -18.60 28.12 29.39
N ARG A 114 -19.92 28.17 29.32
CA ARG A 114 -20.73 28.88 30.30
C ARG A 114 -20.56 28.27 31.69
N PHE A 115 -20.47 26.94 31.74
CA PHE A 115 -20.23 26.24 32.99
C PHE A 115 -18.79 26.48 33.47
N PHE A 116 -17.87 26.56 32.53
CA PHE A 116 -16.46 26.82 32.86
C PHE A 116 -16.30 28.21 33.47
N PHE A 117 -17.02 29.17 32.94
CA PHE A 117 -17.00 30.53 33.46
C PHE A 117 -17.70 30.61 34.81
N ALA A 118 -18.66 29.71 35.02
CA ALA A 118 -19.44 29.71 36.25
C ALA A 118 -18.82 28.79 37.30
N SER A 119 -17.66 28.22 36.98
CA SER A 119 -16.96 27.34 37.90
C SER A 119 -15.86 28.07 38.67
N PHE A 120 -15.69 29.36 38.38
CA PHE A 120 -14.72 30.18 39.08
C PHE A 120 -15.28 30.66 40.42
N THR A 121 -15.45 29.71 41.35
CA THR A 121 -16.01 30.04 42.66
C THR A 121 -15.56 29.03 43.71
N ASN A 122 -15.69 29.41 44.98
CA ASN A 122 -15.30 28.56 46.09
C ASN A 122 -16.41 27.58 46.44
N SER A 123 -17.63 27.93 46.07
CA SER A 123 -18.78 27.07 46.25
C SER A 123 -19.61 27.00 44.98
N LEU A 124 -19.61 25.84 44.33
CA LEU A 124 -20.33 25.64 43.08
C LEU A 124 -21.81 25.99 43.22
N PRO A 125 -22.35 26.74 42.26
CA PRO A 125 -23.72 27.27 42.34
C PRO A 125 -24.81 26.21 42.16
N TRP A 126 -24.43 24.98 41.79
CA TRP A 126 -25.42 23.94 41.53
C TRP A 126 -25.44 22.85 42.60
N THR A 127 -25.06 23.21 43.82
CA THR A 127 -25.02 22.24 44.91
C THR A 127 -26.26 22.33 45.80
N SER A 128 -26.70 23.56 46.07
CA SER A 128 -27.79 23.78 47.02
C SER A 128 -29.14 23.85 46.33
N CYS A 129 -30.20 23.83 47.14
CA CYS A 129 -31.56 23.92 46.63
C CYS A 129 -32.28 25.16 47.15
N ASN A 130 -31.53 26.03 47.81
CA ASN A 130 -32.10 27.26 48.35
C ASN A 130 -31.70 28.50 47.55
N ASN A 131 -31.76 28.38 46.23
CA ASN A 131 -31.40 29.50 45.35
C ASN A 131 -32.63 30.17 44.75
N ILE A 132 -32.39 31.24 44.00
CA ILE A 132 -33.46 32.03 43.41
C ILE A 132 -34.20 31.27 42.31
N TRP A 133 -33.53 30.27 41.74
CA TRP A 133 -34.06 29.56 40.58
C TRP A 133 -34.68 28.22 40.95
N ASN A 134 -34.72 27.90 42.25
CA ASN A 134 -35.16 26.59 42.69
C ASN A 134 -36.66 26.48 42.96
N THR A 135 -37.14 25.24 42.96
CA THR A 135 -38.55 24.94 43.23
C THR A 135 -38.63 23.98 44.41
N PRO A 136 -39.83 23.86 45.03
CA PRO A 136 -40.00 22.91 46.13
C PRO A 136 -39.74 21.45 45.74
N ASN A 137 -39.68 21.18 44.44
CA ASN A 137 -39.41 19.81 43.97
C ASN A 137 -37.91 19.53 43.83
N CYS A 138 -37.09 20.34 44.50
CA CYS A 138 -35.64 20.20 44.41
C CYS A 138 -35.08 19.32 45.53
N ARG A 139 -34.20 18.40 45.15
CA ARG A 139 -33.49 17.56 46.09
C ARG A 139 -32.00 17.67 45.83
N PRO A 140 -31.16 17.37 46.85
CA PRO A 140 -29.71 17.51 46.66
C PRO A 140 -29.14 16.64 45.54
N PHE A 141 -29.77 15.51 45.28
CA PHE A 141 -29.33 14.63 44.20
C PHE A 141 -30.52 14.00 43.49
N GLU A 142 -30.24 13.30 42.39
CA GLU A 142 -31.29 12.67 41.58
C GLU A 142 -32.16 11.71 42.37
N SER A 143 -33.47 11.78 42.16
CA SER A 143 -34.42 10.91 42.85
C SER A 143 -35.67 10.71 42.00
N GLN A 144 -36.26 9.53 42.10
CA GLN A 144 -37.46 9.20 41.34
C GLN A 144 -38.65 10.03 41.81
N GLY A 145 -39.07 10.98 40.99
CA GLY A 145 -40.23 11.80 41.30
C GLY A 145 -39.88 13.24 41.62
N PHE A 146 -38.60 13.53 41.78
CA PHE A 146 -38.15 14.88 42.12
C PHE A 146 -37.17 15.44 41.09
N GLN A 147 -36.60 16.59 41.42
CA GLN A 147 -35.56 17.21 40.61
C GLN A 147 -34.33 17.45 41.48
N SER A 148 -33.15 17.46 40.86
CA SER A 148 -31.92 17.67 41.62
C SER A 148 -31.44 19.11 41.52
N ALA A 149 -30.46 19.47 42.35
CA ALA A 149 -29.91 20.82 42.37
C ALA A 149 -29.17 21.13 41.07
N ALA A 150 -28.47 20.13 40.55
CA ALA A 150 -27.71 20.30 39.32
C ALA A 150 -28.64 20.33 38.10
N SER A 151 -29.83 19.77 38.26
CA SER A 151 -30.82 19.75 37.18
C SER A 151 -31.51 21.10 37.03
N GLU A 152 -31.98 21.64 38.14
CA GLU A 152 -32.69 22.92 38.13
C GLU A 152 -31.76 24.09 37.83
N TYR A 153 -30.48 23.92 38.17
CA TYR A 153 -29.48 24.94 37.83
C TYR A 153 -29.29 25.01 36.33
N PHE A 154 -29.12 23.84 35.71
CA PHE A 154 -28.93 23.77 34.26
C PHE A 154 -30.20 24.14 33.50
N ASN A 155 -31.35 23.91 34.13
CA ASN A 155 -32.63 24.12 33.46
C ASN A 155 -33.19 25.52 33.68
N ARG A 156 -33.41 25.88 34.94
CA ARG A 156 -34.13 27.12 35.25
C ARG A 156 -33.22 28.34 35.31
N TYR A 157 -31.92 28.14 35.46
CA TYR A 157 -30.99 29.25 35.53
C TYR A 157 -30.16 29.42 34.26
N ILE A 158 -29.40 28.39 33.90
CA ILE A 158 -28.53 28.44 32.73
C ILE A 158 -29.34 28.53 31.45
N LEU A 159 -30.30 27.63 31.28
CA LEU A 159 -31.10 27.58 30.07
C LEU A 159 -32.33 28.47 30.14
N GLU A 160 -32.91 28.58 31.34
CA GLU A 160 -34.19 29.26 31.55
C GLU A 160 -35.24 28.65 30.64
N LEU A 161 -35.21 27.32 30.52
CA LEU A 161 -36.11 26.59 29.64
C LEU A 161 -37.54 26.58 30.18
N ASN A 162 -37.68 26.81 31.48
CA ASN A 162 -38.98 26.85 32.13
C ASN A 162 -39.85 28.00 31.61
N ARG A 163 -39.20 29.00 31.03
CA ARG A 163 -39.90 30.18 30.51
C ARG A 163 -40.37 29.96 29.08
N SER A 164 -40.21 28.72 28.60
CA SER A 164 -40.62 28.37 27.25
C SER A 164 -41.73 27.31 27.27
N GLU A 165 -42.73 27.50 26.41
CA GLU A 165 -43.84 26.55 26.33
C GLU A 165 -43.71 25.66 25.10
N GLY A 166 -42.62 25.83 24.36
CA GLY A 166 -42.38 25.03 23.18
C GLY A 166 -41.42 25.68 22.20
N ILE A 167 -41.33 25.11 21.00
CA ILE A 167 -40.44 25.63 19.97
C ILE A 167 -41.07 26.85 19.30
N HIS A 168 -42.38 27.01 19.49
CA HIS A 168 -43.09 28.17 18.98
C HIS A 168 -42.76 29.40 19.82
N ASP A 169 -42.49 29.16 21.10
CA ASP A 169 -42.14 30.23 22.02
C ASP A 169 -40.69 30.10 22.47
N LEU A 170 -39.79 30.80 21.79
CA LEU A 170 -38.37 30.74 22.11
C LEU A 170 -38.02 31.76 23.20
N GLY A 171 -38.88 32.76 23.37
CA GLY A 171 -38.70 33.75 24.41
C GLY A 171 -37.58 34.74 24.15
N ALA A 172 -36.94 35.20 25.22
CA ALA A 172 -35.88 36.20 25.12
C ALA A 172 -34.57 35.58 24.63
N ILE A 173 -33.50 36.38 24.66
CA ILE A 173 -32.19 35.91 24.22
C ILE A 173 -31.17 35.99 25.36
N LYS A 174 -30.66 34.84 25.77
CA LYS A 174 -29.60 34.79 26.78
C LYS A 174 -28.30 35.32 26.19
N TRP A 175 -27.95 36.56 26.56
CA TRP A 175 -26.78 37.22 26.00
C TRP A 175 -25.48 36.71 26.63
N ASP A 176 -25.58 36.11 27.81
CA ASP A 176 -24.44 35.44 28.41
C ASP A 176 -24.14 34.16 27.63
N MET A 177 -25.18 33.65 26.96
CA MET A 177 -25.04 32.47 26.10
C MET A 177 -24.58 32.88 24.71
N ALA A 178 -25.11 33.98 24.21
CA ALA A 178 -24.73 34.50 22.90
C ALA A 178 -23.25 34.88 22.90
N LEU A 179 -22.76 35.32 24.05
CA LEU A 179 -21.34 35.64 24.21
C LEU A 179 -20.51 34.37 24.10
N CYS A 180 -20.92 33.33 24.82
CA CYS A 180 -20.22 32.05 24.80
C CYS A 180 -20.22 31.44 23.39
N LEU A 181 -21.35 31.58 22.70
CA LEU A 181 -21.46 31.08 21.33
C LEU A 181 -20.53 31.87 20.41
N LEU A 182 -20.45 33.18 20.64
CA LEU A 182 -19.54 34.03 19.88
C LEU A 182 -18.10 33.62 20.11
N ILE A 183 -17.75 33.42 21.38
CA ILE A 183 -16.41 32.97 21.77
C ILE A 183 -16.02 31.69 21.05
N VAL A 184 -16.96 30.75 20.98
CA VAL A 184 -16.73 29.49 20.28
C VAL A 184 -16.42 29.73 18.81
N TYR A 185 -17.24 30.55 18.15
CA TYR A 185 -17.06 30.83 16.73
C TYR A 185 -15.81 31.67 16.48
N LEU A 186 -15.35 32.39 17.50
CA LEU A 186 -14.10 33.13 17.40
C LEU A 186 -12.92 32.16 17.39
N ILE A 187 -13.00 31.14 18.25
CA ILE A 187 -11.96 30.13 18.33
C ILE A 187 -11.92 29.28 17.06
N CYS A 188 -13.09 28.88 16.58
CA CYS A 188 -13.19 28.08 15.36
C CYS A 188 -12.74 28.88 14.14
N TYR A 189 -12.69 30.19 14.32
CA TYR A 189 -12.44 31.15 13.26
C TYR A 189 -10.94 31.21 13.03
N PHE A 190 -10.21 31.64 14.06
CA PHE A 190 -8.75 31.80 14.01
C PHE A 190 -7.99 30.47 13.97
N SER A 191 -8.72 29.36 13.97
CA SER A 191 -8.13 28.04 13.85
C SER A 191 -8.21 27.54 12.41
N LEU A 192 -9.30 27.88 11.73
CA LEU A 192 -9.51 27.47 10.33
C LEU A 192 -9.27 28.65 9.39
N TRP A 193 -8.86 29.78 9.90
CA TRP A 193 -8.77 30.86 8.98
C TRP A 193 -7.71 30.79 7.91
N LYS A 194 -6.53 30.32 8.23
CA LYS A 194 -5.53 30.18 7.19
C LYS A 194 -5.31 28.73 6.75
N GLY A 195 -6.17 27.85 7.22
CA GLY A 195 -6.24 26.46 6.81
C GLY A 195 -5.46 25.47 7.65
N ILE A 196 -5.01 24.38 7.03
CA ILE A 196 -4.37 23.27 7.73
C ILE A 196 -3.02 23.63 8.33
N SER A 197 -2.47 24.76 7.90
CA SER A 197 -1.20 25.24 8.44
C SER A 197 -1.34 25.51 9.93
N THR A 198 -2.51 25.99 10.33
CA THR A 198 -2.79 26.30 11.73
C THR A 198 -3.70 25.24 12.36
N SER A 199 -4.72 24.81 11.61
CA SER A 199 -5.69 23.86 12.12
C SER A 199 -5.05 22.51 12.44
N GLY A 200 -3.94 22.22 11.77
CA GLY A 200 -3.20 21.00 12.04
C GLY A 200 -2.35 21.15 13.29
N LYS A 201 -2.33 22.35 13.86
CA LYS A 201 -1.57 22.63 15.07
C LYS A 201 -2.50 22.91 16.25
N VAL A 202 -3.69 23.44 15.97
CA VAL A 202 -4.67 23.69 17.01
C VAL A 202 -5.17 22.37 17.58
N VAL A 203 -5.27 21.36 16.73
CA VAL A 203 -5.72 20.03 17.14
C VAL A 203 -4.77 19.39 18.14
N TRP A 204 -3.53 19.87 18.19
CA TRP A 204 -2.55 19.37 19.14
C TRP A 204 -2.98 19.63 20.58
N PHE A 205 -3.91 20.56 20.76
CA PHE A 205 -4.47 20.83 22.08
C PHE A 205 -5.85 20.22 22.24
N THR A 206 -6.72 20.47 21.27
CA THR A 206 -8.11 20.03 21.35
C THR A 206 -8.25 18.51 21.34
N ALA A 207 -7.29 17.81 20.72
CA ALA A 207 -7.37 16.36 20.61
C ALA A 207 -6.49 15.65 21.63
N LEU A 208 -5.63 16.40 22.30
CA LEU A 208 -4.71 15.81 23.28
C LEU A 208 -5.13 16.11 24.71
N PHE A 209 -5.65 17.31 24.95
CA PHE A 209 -6.09 17.71 26.29
C PHE A 209 -7.14 16.77 26.91
N PRO A 210 -8.15 16.30 26.14
CA PRO A 210 -9.10 15.37 26.74
C PRO A 210 -8.47 14.15 27.38
N TYR A 211 -7.44 13.60 26.74
CA TYR A 211 -6.74 12.43 27.28
C TYR A 211 -5.98 12.78 28.56
N ALA A 212 -5.50 14.02 28.64
CA ALA A 212 -4.86 14.50 29.85
C ALA A 212 -5.88 14.61 30.98
N ALA A 213 -7.04 15.17 30.66
CA ALA A 213 -8.12 15.32 31.62
C ALA A 213 -8.71 13.96 32.00
N LEU A 214 -8.87 13.08 31.01
CA LEU A 214 -9.37 11.74 31.26
C LEU A 214 -8.47 10.97 32.21
N LEU A 215 -7.18 11.26 32.14
CA LEU A 215 -6.21 10.60 33.01
C LEU A 215 -6.42 10.97 34.48
N ILE A 216 -6.46 12.26 34.76
CA ILE A 216 -6.59 12.74 36.13
C ILE A 216 -8.02 12.62 36.65
N LEU A 217 -8.97 12.43 35.75
CA LEU A 217 -10.35 12.15 36.15
C LEU A 217 -10.52 10.66 36.41
N LEU A 218 -9.71 9.84 35.74
CA LEU A 218 -9.70 8.41 35.97
C LEU A 218 -9.12 8.12 37.34
N ILE A 219 -8.02 8.81 37.68
CA ILE A 219 -7.38 8.66 38.97
C ILE A 219 -8.30 9.13 40.09
N ARG A 220 -8.84 10.34 39.94
CA ARG A 220 -9.76 10.90 40.93
C ARG A 220 -11.01 10.03 41.08
N GLY A 221 -11.48 9.50 39.96
CA GLY A 221 -12.68 8.67 39.96
C GLY A 221 -12.49 7.32 40.63
N LEU A 222 -11.30 6.75 40.48
CA LEU A 222 -11.02 5.42 41.01
C LEU A 222 -10.61 5.45 42.48
N THR A 223 -10.18 6.60 42.97
CA THR A 223 -9.79 6.74 44.37
C THR A 223 -11.00 6.98 45.27
N LEU A 224 -12.12 7.36 44.65
CA LEU A 224 -13.36 7.61 45.39
C LEU A 224 -13.92 6.31 45.98
N PRO A 225 -14.48 6.39 47.19
CA PRO A 225 -15.12 5.23 47.81
C PRO A 225 -16.36 4.78 47.04
N GLY A 226 -16.41 3.51 46.67
CA GLY A 226 -17.52 2.97 45.91
C GLY A 226 -17.29 3.06 44.42
N SER A 227 -16.03 3.24 44.02
CA SER A 227 -15.67 3.35 42.62
C SER A 227 -15.74 2.00 41.91
N PHE A 228 -15.35 0.94 42.61
CA PHE A 228 -15.36 -0.39 42.04
CA PHE A 228 -15.35 -0.39 42.05
C PHE A 228 -16.77 -0.89 41.77
N LEU A 229 -17.73 -0.37 42.53
CA LEU A 229 -19.13 -0.73 42.35
C LEU A 229 -19.65 -0.24 41.01
N GLY A 230 -19.24 0.97 40.63
CA GLY A 230 -19.64 1.55 39.37
C GLY A 230 -19.04 0.82 38.19
N ILE A 231 -17.85 0.25 38.41
CA ILE A 231 -17.19 -0.54 37.38
C ILE A 231 -17.97 -1.82 37.12
N GLN A 232 -18.55 -2.37 38.17
CA GLN A 232 -19.37 -3.57 38.05
C GLN A 232 -20.61 -3.29 37.22
N TYR A 233 -21.27 -2.16 37.49
CA TYR A 233 -22.42 -1.74 36.69
C TYR A 233 -22.01 -1.48 35.24
N TYR A 234 -20.75 -1.11 35.05
CA TYR A 234 -20.21 -0.81 33.73
C TYR A 234 -19.94 -2.08 32.93
N LEU A 235 -19.22 -3.03 33.51
CA LEU A 235 -18.71 -4.15 32.73
C LEU A 235 -18.98 -5.55 33.31
N THR A 236 -20.10 -5.72 34.01
CA THR A 236 -20.49 -7.06 34.44
C THR A 236 -21.17 -7.78 33.28
N PRO A 237 -20.56 -8.87 32.80
CA PRO A 237 -21.01 -9.60 31.62
C PRO A 237 -22.43 -10.15 31.74
N ASN A 238 -23.17 -10.08 30.63
CA ASN A 238 -24.51 -10.64 30.56
C ASN A 238 -24.80 -11.03 29.12
N PHE A 239 -24.38 -12.23 28.74
CA PHE A 239 -24.39 -12.66 27.34
C PHE A 239 -25.79 -12.98 26.82
N SER A 240 -26.81 -12.68 27.62
CA SER A 240 -28.19 -12.81 27.16
C SER A 240 -28.50 -11.70 26.16
N ALA A 241 -27.76 -10.61 26.26
CA ALA A 241 -27.94 -9.46 25.38
C ALA A 241 -27.49 -9.79 23.97
N ILE A 242 -26.56 -10.74 23.84
CA ILE A 242 -26.04 -11.16 22.54
C ILE A 242 -27.16 -11.67 21.64
N TYR A 243 -28.11 -12.39 22.24
CA TYR A 243 -29.24 -12.93 21.50
C TYR A 243 -30.20 -11.85 21.04
N LYS A 244 -30.24 -10.74 21.77
CA LYS A 244 -31.13 -9.63 21.46
C LYS A 244 -30.62 -8.84 20.25
N ALA A 245 -31.47 -8.72 19.23
CA ALA A 245 -31.12 -7.99 18.02
C ALA A 245 -31.01 -6.49 18.29
N GLU A 246 -31.74 -6.02 19.28
CA GLU A 246 -31.71 -4.61 19.66
C GLU A 246 -30.33 -4.21 20.15
N VAL A 247 -29.63 -5.16 20.77
CA VAL A 247 -28.27 -4.93 21.23
C VAL A 247 -27.32 -4.85 20.04
N TRP A 248 -27.48 -5.78 19.10
CA TRP A 248 -26.69 -5.76 17.87
C TRP A 248 -26.96 -4.49 17.07
N ALA A 249 -28.16 -3.95 17.23
CA ALA A 249 -28.53 -2.69 16.59
C ALA A 249 -27.83 -1.53 17.26
N ASP A 250 -27.90 -1.49 18.58
CA ASP A 250 -27.23 -0.44 19.36
C ASP A 250 -25.74 -0.48 19.13
N ALA A 251 -25.20 -1.68 18.99
CA ALA A 251 -23.77 -1.87 18.71
C ALA A 251 -23.44 -1.37 17.30
N ALA A 252 -24.27 -1.74 16.34
CA ALA A 252 -24.08 -1.32 14.95
C ALA A 252 -24.23 0.18 14.81
N THR A 253 -25.26 0.73 15.44
CA THR A 253 -25.54 2.16 15.37
C THR A 253 -24.42 2.99 15.96
N GLN A 254 -24.04 2.67 17.20
CA GLN A 254 -22.99 3.41 17.90
C GLN A 254 -21.66 3.35 17.15
N VAL A 255 -21.32 2.17 16.65
CA VAL A 255 -20.09 1.99 15.88
C VAL A 255 -20.05 2.90 14.65
N PHE A 256 -21.18 2.97 13.95
CA PHE A 256 -21.28 3.78 12.74
C PHE A 256 -21.25 5.29 13.03
N PHE A 257 -21.95 5.70 14.09
CA PHE A 257 -22.08 7.12 14.39
C PHE A 257 -20.91 7.67 15.21
N SER A 258 -20.01 6.80 15.66
CA SER A 258 -18.87 7.25 16.45
C SER A 258 -17.63 7.45 15.58
N LEU A 259 -17.64 6.84 14.40
CA LEU A 259 -16.53 6.98 13.46
C LEU A 259 -16.82 8.09 12.46
N GLY A 260 -18.09 8.28 12.17
CA GLY A 260 -18.56 9.38 11.34
C GLY A 260 -18.11 9.49 9.90
N PRO A 261 -18.35 8.44 9.09
CA PRO A 261 -18.18 8.64 7.65
C PRO A 261 -19.44 9.27 7.06
N GLY A 262 -19.30 9.96 5.93
CA GLY A 262 -20.45 10.55 5.28
C GLY A 262 -20.64 12.03 5.58
N PHE A 263 -19.68 12.62 6.27
CA PHE A 263 -19.69 14.05 6.51
C PHE A 263 -18.74 14.77 5.56
N GLY A 264 -18.00 13.98 4.78
CA GLY A 264 -17.07 14.52 3.81
C GLY A 264 -15.90 15.22 4.46
N VAL A 265 -15.65 14.87 5.73
CA VAL A 265 -14.54 15.46 6.48
C VAL A 265 -13.34 14.52 6.46
N LEU A 266 -13.59 13.23 6.68
CA LEU A 266 -12.56 12.21 6.50
C LEU A 266 -12.08 12.27 5.05
N LEU A 267 -13.04 12.54 4.17
CA LEU A 267 -12.76 12.77 2.76
C LEU A 267 -11.90 14.01 2.57
N ALA A 268 -12.27 15.09 3.27
CA ALA A 268 -11.57 16.36 3.17
C ALA A 268 -10.20 16.30 3.85
N TYR A 269 -10.16 15.77 5.07
CA TYR A 269 -8.93 15.68 5.84
C TYR A 269 -7.86 14.87 5.12
N ALA A 270 -8.24 13.71 4.62
CA ALA A 270 -7.29 12.81 3.95
C ALA A 270 -6.84 13.38 2.61
N SER A 271 -7.60 14.33 2.07
CA SER A 271 -7.28 14.91 0.77
C SER A 271 -6.06 15.81 0.82
N TYR A 272 -5.57 16.08 2.04
CA TYR A 272 -4.36 16.87 2.21
C TYR A 272 -3.16 15.98 2.50
N ASN A 273 -3.38 14.66 2.46
CA ASN A 273 -2.30 13.70 2.66
C ASN A 273 -1.47 13.54 1.39
N LYS A 274 -0.29 12.95 1.53
CA LYS A 274 0.53 12.62 0.38
C LYS A 274 -0.06 11.38 -0.31
N TYR A 275 0.08 11.32 -1.63
CA TYR A 275 -0.56 10.27 -2.41
C TYR A 275 -0.09 8.87 -2.01
N HIS A 276 1.18 8.75 -1.64
CA HIS A 276 1.74 7.44 -1.29
C HIS A 276 1.83 7.25 0.22
N ASN A 277 1.01 7.98 0.96
CA ASN A 277 0.94 7.81 2.41
C ASN A 277 0.15 6.56 2.77
N ASN A 278 0.67 5.78 3.72
CA ASN A 278 0.00 4.57 4.18
C ASN A 278 -1.31 4.92 4.89
N VAL A 279 -2.38 5.07 4.12
CA VAL A 279 -3.67 5.47 4.67
C VAL A 279 -4.34 4.30 5.40
N TYR A 280 -3.94 3.08 5.05
CA TYR A 280 -4.51 1.88 5.67
C TYR A 280 -4.15 1.81 7.14
N LYS A 281 -2.93 2.23 7.47
CA LYS A 281 -2.49 2.27 8.86
C LYS A 281 -3.21 3.38 9.61
N ASP A 282 -3.48 4.49 8.91
CA ASP A 282 -4.13 5.64 9.51
C ASP A 282 -5.57 5.34 9.90
N ALA A 283 -6.26 4.57 9.06
CA ALA A 283 -7.66 4.22 9.31
C ALA A 283 -7.78 3.27 10.49
N LEU A 284 -6.90 2.27 10.54
CA LEU A 284 -6.92 1.27 11.61
C LEU A 284 -6.54 1.89 12.95
N LEU A 285 -5.50 2.73 12.94
CA LEU A 285 -5.03 3.38 14.16
C LEU A 285 -6.09 4.30 14.74
N THR A 286 -6.61 5.21 13.91
CA THR A 286 -7.58 6.20 14.35
C THR A 286 -8.85 5.57 14.90
N SER A 287 -9.42 4.63 14.16
CA SER A 287 -10.66 3.98 14.56
C SER A 287 -10.53 3.28 15.92
N PHE A 288 -9.36 2.66 16.14
CA PHE A 288 -9.08 2.00 17.41
C PHE A 288 -9.06 2.99 18.56
N ILE A 289 -8.25 4.03 18.41
CA ILE A 289 -8.11 5.08 19.42
C ILE A 289 -9.47 5.70 19.76
N ASN A 290 -10.30 5.86 18.75
CA ASN A 290 -11.66 6.35 18.94
C ASN A 290 -12.46 5.44 19.88
N SER A 291 -12.47 4.15 19.57
CA SER A 291 -13.17 3.17 20.38
C SER A 291 -12.51 3.01 21.74
N ALA A 292 -11.18 3.09 21.76
CA ALA A 292 -10.43 2.97 23.00
C ALA A 292 -10.69 4.16 23.92
N THR A 293 -10.88 5.33 23.33
CA THR A 293 -11.17 6.54 24.09
C THR A 293 -12.52 6.41 24.80
N SER A 294 -13.48 5.85 24.09
CA SER A 294 -14.82 5.61 24.65
C SER A 294 -14.73 4.66 25.83
N PHE A 295 -13.91 3.63 25.70
CA PHE A 295 -13.73 2.64 26.74
C PHE A 295 -13.10 3.26 27.99
N ILE A 296 -12.06 4.07 27.78
CA ILE A 296 -11.40 4.78 28.87
C ILE A 296 -12.37 5.73 29.58
N ALA A 297 -13.14 6.45 28.79
CA ALA A 297 -14.11 7.41 29.33
C ALA A 297 -15.19 6.72 30.15
N GLY A 298 -15.50 5.49 29.78
CA GLY A 298 -16.50 4.69 30.49
C GLY A 298 -16.15 4.50 31.95
N PHE A 299 -14.87 4.26 32.22
CA PHE A 299 -14.40 4.11 33.59
C PHE A 299 -14.49 5.42 34.34
N VAL A 300 -14.12 6.51 33.66
CA VAL A 300 -14.16 7.85 34.26
C VAL A 300 -15.56 8.21 34.76
N ILE A 301 -16.56 7.88 33.95
CA ILE A 301 -17.95 8.18 34.29
C ILE A 301 -18.46 7.30 35.42
N PHE A 302 -18.36 5.98 35.24
CA PHE A 302 -18.99 5.04 36.17
C PHE A 302 -18.27 4.91 37.51
N SER A 303 -16.98 5.24 37.54
CA SER A 303 -16.27 5.28 38.81
C SER A 303 -16.84 6.39 39.66
N VAL A 304 -17.20 7.48 39.00
CA VAL A 304 -17.84 8.62 39.64
C VAL A 304 -19.31 8.32 39.91
N LEU A 305 -19.95 7.64 38.96
CA LEU A 305 -21.35 7.25 39.10
C LEU A 305 -21.56 6.29 40.27
N GLY A 306 -20.62 5.36 40.43
CA GLY A 306 -20.68 4.42 41.54
C GLY A 306 -20.43 5.10 42.86
N TYR A 307 -19.60 6.14 42.83
CA TYR A 307 -19.29 6.93 44.01
C TYR A 307 -20.54 7.58 44.58
N MET A 308 -21.44 8.00 43.69
CA MET A 308 -22.70 8.60 44.10
C MET A 308 -23.66 7.57 44.69
N ALA A 309 -23.70 6.39 44.07
CA ALA A 309 -24.61 5.34 44.49
C ALA A 309 -24.17 4.67 45.79
N HIS A 310 -23.05 5.12 46.34
CA HIS A 310 -22.52 4.53 47.57
C HIS A 310 -22.47 5.53 48.71
N THR A 311 -21.78 6.65 48.50
CA THR A 311 -21.57 7.63 49.56
C THR A 311 -22.55 8.82 49.48
N LEU A 312 -23.46 8.78 48.51
CA LEU A 312 -24.44 9.85 48.36
C LEU A 312 -25.86 9.29 48.35
N GLY A 313 -25.97 7.97 48.23
CA GLY A 313 -27.25 7.30 48.31
C GLY A 313 -28.23 7.67 47.22
N VAL A 314 -27.90 7.29 45.98
CA VAL A 314 -28.79 7.52 44.85
C VAL A 314 -28.84 6.28 43.97
N ARG A 315 -30.04 5.91 43.53
CA ARG A 315 -30.22 4.73 42.69
C ARG A 315 -29.38 4.82 41.42
N ILE A 316 -28.85 3.68 40.98
CA ILE A 316 -28.01 3.64 39.80
C ILE A 316 -28.82 3.92 38.54
N GLU A 317 -30.12 3.67 38.61
CA GLU A 317 -31.00 3.92 37.47
C GLU A 317 -31.19 5.41 37.25
N ASP A 318 -31.02 6.20 38.31
CA ASP A 318 -31.27 7.64 38.26
C ASP A 318 -30.01 8.44 37.92
N VAL A 319 -28.88 7.75 37.78
CA VAL A 319 -27.63 8.43 37.46
C VAL A 319 -26.97 7.88 36.20
N ALA A 320 -27.26 6.63 35.87
CA ALA A 320 -26.77 6.04 34.62
C ALA A 320 -27.51 6.63 33.44
N THR A 321 -27.25 7.90 33.17
CA THR A 321 -28.01 8.64 32.17
C THR A 321 -27.18 8.90 30.91
N GLU A 322 -27.87 9.08 29.79
CA GLU A 322 -27.23 9.50 28.55
C GLU A 322 -27.58 10.95 28.25
N GLY A 323 -27.21 11.41 27.05
CA GLY A 323 -27.49 12.77 26.64
C GLY A 323 -26.70 13.79 27.42
N PRO A 324 -26.95 15.09 27.16
CA PRO A 324 -26.25 16.18 27.84
C PRO A 324 -26.47 16.19 29.35
N GLY A 325 -27.52 15.51 29.81
CA GLY A 325 -27.83 15.46 31.23
C GLY A 325 -26.76 14.77 32.05
N LEU A 326 -25.97 13.91 31.40
CA LEU A 326 -24.93 13.15 32.10
C LEU A 326 -23.81 14.05 32.60
N VAL A 327 -23.40 15.02 31.78
CA VAL A 327 -22.23 15.83 32.09
C VAL A 327 -22.57 17.28 32.45
N PHE A 328 -23.85 17.62 32.34
CA PHE A 328 -24.31 18.95 32.71
C PHE A 328 -25.10 18.90 34.02
N VAL A 329 -25.47 17.70 34.43
CA VAL A 329 -26.24 17.52 35.66
C VAL A 329 -25.68 16.39 36.53
N VAL A 330 -25.63 15.18 36.00
CA VAL A 330 -25.24 14.01 36.78
C VAL A 330 -23.81 14.07 37.27
N TYR A 331 -22.86 14.29 36.36
CA TYR A 331 -21.45 14.31 36.72
C TYR A 331 -21.02 15.53 37.54
N PRO A 332 -21.47 16.75 37.18
CA PRO A 332 -21.04 17.89 38.01
C PRO A 332 -21.55 17.83 39.44
N ALA A 333 -22.70 17.17 39.64
CA ALA A 333 -23.27 17.04 40.97
C ALA A 333 -22.34 16.26 41.89
N ALA A 334 -21.68 15.24 41.32
CA ALA A 334 -20.75 14.42 42.07
C ALA A 334 -19.47 15.18 42.38
N ILE A 335 -18.96 15.89 41.38
CA ILE A 335 -17.76 16.72 41.53
C ILE A 335 -17.94 17.69 42.69
N ALA A 336 -19.15 18.23 42.82
CA ALA A 336 -19.48 19.22 43.84
C ALA A 336 -19.27 18.71 45.26
N THR A 337 -19.34 17.38 45.43
CA THR A 337 -19.24 16.79 46.75
C THR A 337 -17.80 16.46 47.14
N MET A 338 -17.01 16.03 46.17
CA MET A 338 -15.64 15.60 46.43
C MET A 338 -14.72 16.80 46.68
N PRO A 339 -13.70 16.61 47.53
CA PRO A 339 -12.70 17.64 47.84
C PRO A 339 -12.03 18.22 46.61
N ALA A 340 -11.59 19.47 46.70
CA ALA A 340 -11.00 20.20 45.57
C ALA A 340 -11.97 20.21 44.38
N SER A 341 -13.25 20.42 44.68
CA SER A 341 -14.30 20.36 43.68
C SER A 341 -14.10 21.34 42.52
N THR A 342 -13.66 22.55 42.87
CA THR A 342 -13.48 23.60 41.88
C THR A 342 -12.47 23.20 40.81
N PHE A 343 -11.44 22.46 41.21
CA PHE A 343 -10.42 22.01 40.28
C PHE A 343 -10.97 20.99 39.28
N TRP A 344 -11.64 19.96 39.80
CA TRP A 344 -12.20 18.93 38.95
C TRP A 344 -13.30 19.48 38.04
N ALA A 345 -14.02 20.48 38.54
CA ALA A 345 -15.09 21.11 37.78
C ALA A 345 -14.52 21.90 36.60
N LEU A 346 -13.38 22.55 36.80
CA LEU A 346 -12.76 23.37 35.77
C LEU A 346 -12.22 22.53 34.61
N ILE A 347 -11.53 21.44 34.94
CA ILE A 347 -10.88 20.62 33.93
C ILE A 347 -11.88 19.68 33.25
N PHE A 348 -13.01 19.44 33.90
CA PHE A 348 -14.04 18.57 33.33
C PHE A 348 -14.79 19.30 32.22
N PHE A 349 -15.20 20.53 32.51
CA PHE A 349 -15.93 21.33 31.54
C PHE A 349 -15.01 21.79 30.41
N MET A 350 -13.73 21.97 30.72
CA MET A 350 -12.75 22.32 29.69
C MET A 350 -12.52 21.12 28.78
N MET A 351 -12.61 19.92 29.34
CA MET A 351 -12.50 18.69 28.57
C MET A 351 -13.65 18.59 27.58
N LEU A 352 -14.86 18.87 28.07
CA LEU A 352 -16.08 18.81 27.27
C LEU A 352 -16.00 19.81 26.10
N ALA A 353 -15.38 20.96 26.36
CA ALA A 353 -15.23 21.99 25.34
C ALA A 353 -14.26 21.56 24.25
N THR A 354 -13.14 20.99 24.65
CA THR A 354 -12.12 20.53 23.71
C THR A 354 -12.55 19.23 23.02
N LEU A 355 -13.58 18.58 23.55
CA LEU A 355 -14.11 17.36 22.95
C LEU A 355 -14.99 17.65 21.75
N GLY A 356 -15.50 18.88 21.68
CA GLY A 356 -16.40 19.26 20.59
C GLY A 356 -15.76 20.15 19.55
N LEU A 357 -14.71 20.87 19.94
CA LEU A 357 -14.04 21.82 19.05
C LEU A 357 -13.40 21.15 17.85
N ASP A 358 -12.54 20.16 18.10
CA ASP A 358 -11.86 19.45 17.03
C ASP A 358 -12.85 18.68 16.15
N SER A 359 -14.01 18.34 16.70
CA SER A 359 -15.07 17.73 15.92
C SER A 359 -15.76 18.79 15.07
N SER A 360 -15.95 19.97 15.64
CA SER A 360 -16.56 21.09 14.92
C SER A 360 -15.63 21.59 13.83
N PHE A 361 -14.32 21.54 14.09
CA PHE A 361 -13.32 21.94 13.12
C PHE A 361 -13.49 21.17 11.81
N GLY A 362 -13.49 19.84 11.91
CA GLY A 362 -13.64 18.98 10.75
C GLY A 362 -14.98 19.13 10.07
N GLY A 363 -16.02 19.36 10.87
CA GLY A 363 -17.35 19.58 10.32
C GLY A 363 -17.42 20.83 9.47
N MET A 364 -16.74 21.87 9.93
CA MET A 364 -16.67 23.13 9.18
C MET A 364 -15.66 23.01 8.04
N GLU A 365 -14.54 22.36 8.31
CA GLU A 365 -13.49 22.17 7.30
C GLU A 365 -14.02 21.37 6.12
N ALA A 366 -14.90 20.42 6.39
CA ALA A 366 -15.52 19.60 5.35
C ALA A 366 -16.29 20.49 4.37
N ILE A 367 -16.84 21.58 4.89
CA ILE A 367 -17.55 22.55 4.06
C ILE A 367 -16.59 23.39 3.25
N ILE A 368 -15.65 24.03 3.94
CA ILE A 368 -14.69 24.93 3.31
C ILE A 368 -13.84 24.24 2.26
N THR A 369 -13.34 23.05 2.58
CA THR A 369 -12.49 22.29 1.67
C THR A 369 -13.24 21.85 0.42
N ALA A 370 -14.43 21.27 0.62
CA ALA A 370 -15.22 20.74 -0.49
C ALA A 370 -15.78 21.85 -1.38
N LEU A 371 -15.81 23.06 -0.84
CA LEU A 371 -16.30 24.20 -1.62
C LEU A 371 -15.16 24.90 -2.36
N SER A 372 -13.97 24.85 -1.78
CA SER A 372 -12.80 25.47 -2.40
C SER A 372 -12.38 24.72 -3.66
N ASP A 373 -12.65 23.42 -3.68
CA ASP A 373 -12.27 22.58 -4.82
C ASP A 373 -13.30 22.65 -5.94
N GLU A 374 -14.48 23.17 -5.64
CA GLU A 374 -15.56 23.24 -6.61
C GLU A 374 -15.68 24.63 -7.22
N PHE A 375 -15.53 25.66 -6.40
CA PHE A 375 -15.60 27.04 -6.86
C PHE A 375 -14.31 27.77 -6.53
N PRO A 376 -13.49 28.04 -7.56
CA PRO A 376 -12.15 28.62 -7.40
C PRO A 376 -12.17 30.05 -6.86
N LYS A 377 -13.32 30.71 -6.94
CA LYS A 377 -13.44 32.09 -6.48
C LYS A 377 -13.26 32.21 -4.97
N ILE A 378 -13.91 31.32 -4.22
CA ILE A 378 -13.88 31.38 -2.76
C ILE A 378 -12.62 30.75 -2.17
N LYS A 379 -11.79 30.12 -3.00
CA LYS A 379 -10.55 29.54 -2.51
C LYS A 379 -9.54 30.66 -2.23
N ARG A 380 -9.61 31.71 -3.04
CA ARG A 380 -8.76 32.87 -2.84
C ARG A 380 -9.31 33.75 -1.72
N ASN A 381 -10.53 33.42 -1.29
CA ASN A 381 -11.26 34.21 -0.29
C ASN A 381 -11.57 33.42 0.97
N ARG A 382 -10.63 32.60 1.45
CA ARG A 382 -10.91 31.71 2.59
C ARG A 382 -11.37 32.49 3.81
N GLU A 383 -10.63 33.55 4.14
CA GLU A 383 -10.91 34.35 5.32
C GLU A 383 -12.26 35.06 5.25
N LEU A 384 -12.54 35.67 4.10
CA LEU A 384 -13.78 36.42 3.90
C LEU A 384 -14.98 35.47 3.86
N PHE A 385 -14.75 34.25 3.40
CA PHE A 385 -15.81 33.25 3.32
C PHE A 385 -16.19 32.70 4.69
N VAL A 386 -15.18 32.24 5.43
CA VAL A 386 -15.43 31.64 6.75
C VAL A 386 -15.88 32.71 7.75
N ALA A 387 -15.71 33.97 7.36
CA ALA A 387 -16.26 35.10 8.09
C ALA A 387 -17.77 35.05 8.07
N GLY A 388 -18.30 35.11 6.85
CA GLY A 388 -19.72 35.14 6.61
C GLY A 388 -20.37 33.84 7.01
N LEU A 389 -19.64 32.74 6.86
CA LEU A 389 -20.17 31.43 7.21
C LEU A 389 -20.41 31.32 8.72
N PHE A 390 -19.43 31.77 9.50
CA PHE A 390 -19.54 31.68 10.95
C PHE A 390 -20.46 32.78 11.47
N SER A 391 -20.55 33.87 10.72
CA SER A 391 -21.48 34.94 11.04
C SER A 391 -22.90 34.46 10.87
N LEU A 392 -23.14 33.72 9.79
CA LEU A 392 -24.43 33.10 9.54
C LEU A 392 -24.75 32.09 10.65
N TYR A 393 -23.73 31.34 11.05
CA TYR A 393 -23.85 30.40 12.16
C TYR A 393 -24.22 31.12 13.45
N PHE A 394 -23.54 32.23 13.72
CA PHE A 394 -23.77 32.98 14.95
C PHE A 394 -25.13 33.67 14.94
N VAL A 395 -25.52 34.21 13.78
CA VAL A 395 -26.79 34.90 13.65
C VAL A 395 -27.96 33.95 13.88
N VAL A 396 -27.95 32.83 13.17
CA VAL A 396 -28.97 31.79 13.34
C VAL A 396 -28.79 31.11 14.69
N GLY A 397 -27.54 31.08 15.16
CA GLY A 397 -27.23 30.48 16.44
C GLY A 397 -27.80 31.24 17.62
N LEU A 398 -28.26 32.46 17.38
CA LEU A 398 -28.92 33.25 18.41
C LEU A 398 -30.26 32.61 18.78
N ALA A 399 -30.81 31.83 17.85
CA ALA A 399 -32.03 31.09 18.11
C ALA A 399 -31.78 29.94 19.07
N SER A 400 -30.51 29.54 19.17
CA SER A 400 -30.11 28.50 20.11
C SER A 400 -29.82 29.10 21.47
N CYS A 401 -29.56 30.41 21.50
CA CYS A 401 -29.26 31.10 22.73
C CYS A 401 -30.51 31.68 23.38
N THR A 402 -31.67 31.27 22.87
CA THR A 402 -32.94 31.73 23.43
C THR A 402 -33.34 30.90 24.64
N GLN A 403 -34.36 31.35 25.36
CA GLN A 403 -34.84 30.66 26.54
C GLN A 403 -35.38 29.28 26.18
N GLY A 404 -35.95 29.17 24.99
CA GLY A 404 -36.40 27.89 24.47
C GLY A 404 -35.42 27.36 23.45
N GLY A 405 -34.15 27.70 23.63
CA GLY A 405 -33.10 27.32 22.70
C GLY A 405 -32.85 25.83 22.63
N PHE A 406 -33.10 25.13 23.73
CA PHE A 406 -32.90 23.69 23.77
C PHE A 406 -33.87 22.97 22.85
N TYR A 407 -35.09 23.50 22.75
CA TYR A 407 -36.11 22.92 21.90
C TYR A 407 -35.73 22.98 20.42
N PHE A 408 -35.02 24.04 20.04
CA PHE A 408 -34.52 24.19 18.68
C PHE A 408 -33.33 23.26 18.46
N PHE A 409 -32.48 23.16 19.47
CA PHE A 409 -31.33 22.28 19.43
C PHE A 409 -31.74 20.81 19.30
N HIS A 410 -32.77 20.44 20.05
CA HIS A 410 -33.22 19.05 20.09
C HIS A 410 -33.90 18.64 18.79
N LEU A 411 -34.51 19.60 18.11
CA LEU A 411 -35.17 19.33 16.84
C LEU A 411 -34.14 19.01 15.75
N LEU A 412 -33.12 19.85 15.64
CA LEU A 412 -32.06 19.64 14.66
C LEU A 412 -31.27 18.37 14.94
N ASP A 413 -31.04 18.09 16.22
CA ASP A 413 -30.27 16.93 16.64
C ASP A 413 -30.89 15.62 16.17
N ARG A 414 -32.22 15.59 16.10
CA ARG A 414 -32.93 14.36 15.78
C ARG A 414 -33.23 14.21 14.29
N TYR A 415 -33.02 15.28 13.51
CA TYR A 415 -33.39 15.26 12.11
C TYR A 415 -32.25 15.60 11.15
N ALA A 416 -31.47 16.63 11.47
CA ALA A 416 -30.47 17.15 10.55
C ALA A 416 -29.43 16.11 10.12
N ALA A 417 -28.97 15.30 11.06
CA ALA A 417 -27.90 14.36 10.76
C ALA A 417 -28.32 12.90 10.93
N GLY A 418 -29.38 12.66 11.70
CA GLY A 418 -29.82 11.32 12.01
C GLY A 418 -30.02 10.40 10.82
N TYR A 419 -30.97 10.73 9.96
CA TYR A 419 -31.30 9.88 8.83
C TYR A 419 -30.61 10.31 7.55
N SER A 420 -30.31 11.61 7.45
CA SER A 420 -29.67 12.18 6.27
C SER A 420 -28.33 11.51 5.97
N ILE A 421 -27.61 11.14 7.02
CA ILE A 421 -26.32 10.47 6.88
C ILE A 421 -26.45 9.08 6.29
N LEU A 422 -27.31 8.26 6.89
CA LEU A 422 -27.45 6.84 6.57
C LEU A 422 -27.64 6.58 5.08
N VAL A 423 -28.68 7.19 4.50
CA VAL A 423 -28.99 6.97 3.09
C VAL A 423 -28.04 7.74 2.17
N ALA A 424 -27.16 8.53 2.77
CA ALA A 424 -26.11 9.21 2.01
C ALA A 424 -24.86 8.32 1.96
N VAL A 425 -24.49 7.76 3.11
CA VAL A 425 -23.38 6.83 3.19
C VAL A 425 -23.73 5.55 2.43
N PHE A 426 -25.01 5.22 2.40
CA PHE A 426 -25.48 4.05 1.67
C PHE A 426 -25.16 4.18 0.18
N PHE A 427 -25.45 5.34 -0.38
CA PHE A 427 -25.18 5.60 -1.79
C PHE A 427 -23.68 5.76 -2.03
N GLU A 428 -22.94 6.07 -0.98
CA GLU A 428 -21.48 6.14 -1.06
C GLU A 428 -20.89 4.76 -1.32
N ALA A 429 -21.36 3.79 -0.55
CA ALA A 429 -20.86 2.42 -0.63
C ALA A 429 -21.30 1.73 -1.92
N ILE A 430 -22.50 2.04 -2.39
CA ILE A 430 -23.02 1.44 -3.60
C ILE A 430 -22.29 1.99 -4.83
N ALA A 431 -22.01 3.29 -4.82
CA ALA A 431 -21.32 3.93 -5.93
C ALA A 431 -19.89 3.41 -6.08
N VAL A 432 -19.15 3.39 -4.98
CA VAL A 432 -17.76 2.95 -4.99
C VAL A 432 -17.61 1.48 -5.37
N SER A 433 -18.45 0.63 -4.77
CA SER A 433 -18.27 -0.81 -4.87
C SER A 433 -18.98 -1.45 -6.06
N TRP A 434 -20.05 -0.82 -6.54
CA TRP A 434 -20.82 -1.38 -7.65
C TRP A 434 -20.73 -0.53 -8.91
N ILE A 435 -20.92 0.78 -8.75
CA ILE A 435 -20.87 1.69 -9.90
C ILE A 435 -19.43 1.97 -10.29
N TYR A 436 -18.62 2.40 -9.33
CA TYR A 436 -17.20 2.59 -9.56
C TYR A 436 -16.52 1.22 -9.63
N GLY A 437 -16.84 0.36 -8.66
CA GLY A 437 -16.32 -1.00 -8.65
C GLY A 437 -15.17 -1.18 -7.68
N THR A 438 -15.12 -2.35 -7.04
CA THR A 438 -14.09 -2.64 -6.05
C THR A 438 -12.75 -2.95 -6.69
N ASN A 439 -12.78 -3.56 -7.86
CA ASN A 439 -11.55 -4.00 -8.53
C ASN A 439 -10.62 -2.86 -8.90
N ARG A 440 -11.19 -1.71 -9.27
CA ARG A 440 -10.38 -0.56 -9.63
C ARG A 440 -10.13 0.33 -8.43
N PHE A 441 -10.95 0.20 -7.40
CA PHE A 441 -10.71 0.90 -6.15
C PHE A 441 -9.53 0.24 -5.44
N SER A 442 -9.44 -1.07 -5.57
CA SER A 442 -8.30 -1.82 -5.05
C SER A 442 -7.04 -1.46 -5.82
N GLU A 443 -7.22 -1.18 -7.10
CA GLU A 443 -6.12 -0.79 -7.98
C GLU A 443 -5.53 0.56 -7.58
N ASP A 444 -6.40 1.47 -7.17
CA ASP A 444 -5.97 2.79 -6.72
C ASP A 444 -5.18 2.71 -5.43
N ILE A 445 -5.74 1.99 -4.45
CA ILE A 445 -5.12 1.84 -3.15
C ILE A 445 -3.76 1.16 -3.26
N ARG A 446 -3.66 0.18 -4.16
CA ARG A 446 -2.39 -0.50 -4.42
C ARG A 446 -1.35 0.50 -4.90
N ASP A 447 -1.77 1.39 -5.79
CA ASP A 447 -0.87 2.39 -6.35
C ASP A 447 -0.45 3.40 -5.30
N MET A 448 -1.31 3.60 -4.30
CA MET A 448 -1.04 4.55 -3.23
C MET A 448 -0.12 3.96 -2.17
N ILE A 449 -0.69 3.11 -1.31
CA ILE A 449 0.02 2.61 -0.14
C ILE A 449 0.98 1.47 -0.48
N GLY A 450 0.64 0.70 -1.52
CA GLY A 450 1.48 -0.42 -1.89
C GLY A 450 0.74 -1.69 -2.30
N PHE A 451 -0.28 -2.04 -1.53
CA PHE A 451 -0.92 -3.33 -1.71
C PHE A 451 -2.42 -3.21 -1.87
N PRO A 452 -3.00 -4.05 -2.73
CA PRO A 452 -4.45 -4.07 -2.85
C PRO A 452 -5.07 -4.54 -1.54
N PRO A 453 -6.24 -4.00 -1.17
CA PRO A 453 -6.93 -4.43 0.05
C PRO A 453 -7.19 -5.93 0.05
N GLY A 454 -7.18 -6.54 1.23
CA GLY A 454 -7.44 -7.96 1.34
C GLY A 454 -8.85 -8.30 0.88
N ARG A 455 -9.13 -9.59 0.73
CA ARG A 455 -10.45 -10.04 0.31
C ARG A 455 -11.50 -9.64 1.36
N TYR A 456 -11.07 -9.55 2.61
CA TYR A 456 -11.94 -9.19 3.71
C TYR A 456 -12.56 -7.81 3.52
N TRP A 457 -11.73 -6.82 3.23
CA TRP A 457 -12.20 -5.45 3.04
C TRP A 457 -13.07 -5.31 1.81
N GLN A 458 -12.75 -6.08 0.77
CA GLN A 458 -13.50 -6.01 -0.48
C GLN A 458 -14.91 -6.59 -0.32
N VAL A 459 -15.01 -7.70 0.40
CA VAL A 459 -16.31 -8.30 0.68
C VAL A 459 -17.12 -7.40 1.59
N CYS A 460 -16.45 -6.80 2.57
CA CYS A 460 -17.11 -5.90 3.52
C CYS A 460 -17.64 -4.64 2.84
N TRP A 461 -16.94 -4.18 1.81
CA TRP A 461 -17.29 -2.92 1.16
C TRP A 461 -18.54 -2.99 0.29
N ARG A 462 -18.84 -4.16 -0.26
CA ARG A 462 -19.94 -4.27 -1.23
C ARG A 462 -21.08 -5.17 -0.77
N PHE A 463 -20.80 -6.11 0.12
CA PHE A 463 -21.84 -7.00 0.61
C PHE A 463 -22.25 -6.66 2.05
N VAL A 464 -21.27 -6.61 2.94
CA VAL A 464 -21.53 -6.39 4.36
C VAL A 464 -21.98 -4.95 4.64
N ALA A 465 -21.34 -3.99 3.99
CA ALA A 465 -21.63 -2.57 4.23
C ALA A 465 -23.08 -2.16 3.92
N PRO A 466 -23.63 -2.55 2.76
CA PRO A 466 -25.01 -2.14 2.52
C PRO A 466 -25.99 -2.76 3.51
N ILE A 467 -25.74 -4.02 3.88
CA ILE A 467 -26.58 -4.71 4.87
C ILE A 467 -26.45 -4.04 6.24
N PHE A 468 -25.22 -3.76 6.63
CA PHE A 468 -24.93 -3.11 7.89
C PHE A 468 -25.64 -1.77 8.02
N LEU A 469 -25.54 -0.95 6.97
CA LEU A 469 -26.19 0.36 6.96
C LEU A 469 -27.70 0.23 6.96
N LEU A 470 -28.21 -0.73 6.19
CA LEU A 470 -29.65 -0.97 6.12
C LEU A 470 -30.19 -1.50 7.44
N PHE A 471 -29.40 -2.38 8.08
CA PHE A 471 -29.76 -2.94 9.38
C PHE A 471 -29.96 -1.86 10.42
N ILE A 472 -29.12 -0.82 10.36
CA ILE A 472 -29.25 0.32 11.25
C ILE A 472 -30.45 1.17 10.88
N THR A 473 -30.56 1.48 9.59
CA THR A 473 -31.63 2.34 9.08
C THR A 473 -33.00 1.74 9.34
N VAL A 474 -33.10 0.41 9.29
CA VAL A 474 -34.38 -0.26 9.44
C VAL A 474 -34.86 -0.24 10.89
N TYR A 475 -33.93 -0.32 11.85
CA TYR A 475 -34.30 -0.31 13.26
C TYR A 475 -34.55 1.09 13.79
N LEU A 476 -33.90 2.09 13.20
CA LEU A 476 -34.16 3.48 13.55
C LEU A 476 -35.55 3.88 13.09
N LEU A 477 -36.02 3.21 12.04
CA LEU A 477 -37.38 3.38 11.55
C LEU A 477 -38.36 2.75 12.55
N ILE A 478 -38.00 1.57 13.04
CA ILE A 478 -38.84 0.82 13.97
C ILE A 478 -39.11 1.59 15.26
N GLY A 479 -38.05 2.10 15.86
CA GLY A 479 -38.16 2.79 17.13
C GLY A 479 -38.57 4.25 17.02
N TYR A 480 -39.05 4.65 15.85
CA TYR A 480 -39.44 6.03 15.64
C TYR A 480 -40.73 6.36 16.39
N GLU A 481 -40.79 7.58 16.91
CA GLU A 481 -41.97 8.11 17.57
C GLU A 481 -41.86 9.64 17.56
N PRO A 482 -42.98 10.33 17.31
CA PRO A 482 -43.04 11.80 17.20
C PRO A 482 -42.15 12.50 18.22
N LEU A 483 -41.37 13.48 17.77
CA LEU A 483 -40.34 14.10 18.59
C LEU A 483 -40.87 14.61 19.92
N THR A 484 -40.24 14.15 21.00
CA THR A 484 -40.68 14.51 22.34
C THR A 484 -39.48 14.75 23.26
N TYR A 485 -39.62 15.73 24.14
CA TYR A 485 -38.64 15.97 25.20
C TYR A 485 -39.37 16.24 26.51
N ALA A 486 -39.08 15.42 27.52
CA ALA A 486 -39.78 15.45 28.80
C ALA A 486 -41.29 15.31 28.58
N ASP A 487 -42.05 16.33 28.97
CA ASP A 487 -43.49 16.31 28.78
C ASP A 487 -43.87 16.97 27.46
N TYR A 488 -43.04 17.90 27.00
CA TYR A 488 -43.34 18.66 25.79
C TYR A 488 -43.33 17.79 24.54
N VAL A 489 -44.49 17.65 23.93
CA VAL A 489 -44.60 16.97 22.64
C VAL A 489 -44.57 18.00 21.51
N TYR A 490 -43.64 17.83 20.58
CA TYR A 490 -43.52 18.73 19.45
C TYR A 490 -44.73 18.63 18.53
N PRO A 491 -45.24 19.79 18.07
CA PRO A 491 -46.33 19.84 17.10
C PRO A 491 -45.91 19.21 15.77
N SER A 492 -46.87 18.66 15.03
CA SER A 492 -46.51 17.87 13.86
C SER A 492 -45.96 18.73 12.72
N TRP A 493 -46.07 20.05 12.85
CA TRP A 493 -45.45 20.95 11.87
C TRP A 493 -43.95 21.07 12.13
N ALA A 494 -43.55 20.94 13.40
CA ALA A 494 -42.13 20.95 13.76
C ALA A 494 -41.48 19.66 13.28
N ASN A 495 -42.21 18.56 13.39
CA ASN A 495 -41.75 17.28 12.86
C ASN A 495 -41.65 17.33 11.35
N ALA A 496 -42.63 17.96 10.72
CA ALA A 496 -42.60 18.15 9.27
C ALA A 496 -41.43 19.04 8.87
N LEU A 497 -41.20 20.09 9.66
CA LEU A 497 -40.07 20.99 9.44
C LEU A 497 -38.75 20.23 9.58
N GLY A 498 -38.73 19.29 10.53
CA GLY A 498 -37.55 18.47 10.75
C GLY A 498 -37.24 17.56 9.58
N TRP A 499 -38.28 16.97 9.01
CA TRP A 499 -38.11 16.06 7.87
C TRP A 499 -37.67 16.82 6.63
N CYS A 500 -38.01 18.10 6.55
CA CYS A 500 -37.55 18.95 5.46
C CYS A 500 -36.04 19.11 5.55
N ILE A 501 -35.57 19.46 6.75
CA ILE A 501 -34.14 19.61 7.00
C ILE A 501 -33.43 18.26 6.85
N ALA A 502 -34.15 17.18 7.18
CA ALA A 502 -33.62 15.83 7.03
C ALA A 502 -33.66 15.38 5.58
N GLY A 503 -34.54 15.98 4.80
CA GLY A 503 -34.75 15.58 3.42
C GLY A 503 -34.08 16.49 2.41
N SER A 504 -33.82 17.73 2.79
CA SER A 504 -33.20 18.70 1.90
C SER A 504 -31.79 18.30 1.52
N SER A 505 -31.21 17.36 2.26
CA SER A 505 -29.88 16.87 1.98
C SER A 505 -29.89 15.84 0.86
N VAL A 506 -30.44 14.67 1.16
CA VAL A 506 -30.39 13.54 0.23
C VAL A 506 -31.34 13.68 -0.95
N VAL A 507 -32.02 14.82 -1.03
CA VAL A 507 -32.82 15.13 -2.20
C VAL A 507 -31.88 15.56 -3.32
N MET A 508 -30.65 15.87 -2.95
CA MET A 508 -29.61 16.25 -3.91
C MET A 508 -29.18 15.06 -4.75
N ILE A 509 -29.26 13.86 -4.18
CA ILE A 509 -28.82 12.65 -4.88
C ILE A 509 -29.61 12.43 -6.17
N PRO A 510 -30.96 12.39 -6.10
CA PRO A 510 -31.62 12.18 -7.40
C PRO A 510 -31.71 13.45 -8.24
N ALA A 511 -31.89 14.60 -7.59
CA ALA A 511 -32.05 15.86 -8.30
C ALA A 511 -30.86 16.17 -9.20
N VAL A 512 -29.65 16.12 -8.62
CA VAL A 512 -28.45 16.34 -9.40
C VAL A 512 -28.28 15.22 -10.43
N ALA A 513 -28.63 14.00 -10.03
CA ALA A 513 -28.57 12.86 -10.95
C ALA A 513 -29.50 13.07 -12.14
N ILE A 514 -30.71 13.56 -11.88
CA ILE A 514 -31.67 13.84 -12.95
C ILE A 514 -31.20 14.99 -13.83
N PHE A 515 -30.83 16.10 -13.20
CA PHE A 515 -30.37 17.29 -13.91
C PHE A 515 -29.11 17.01 -14.75
N LYS A 516 -28.18 16.28 -14.17
CA LYS A 516 -26.94 15.96 -14.88
C LYS A 516 -27.09 14.73 -15.76
N LEU A 517 -28.34 14.32 -15.99
CA LEU A 517 -28.63 13.18 -16.86
C LEU A 517 -29.20 13.63 -18.20
N LEU A 518 -29.95 14.73 -18.19
CA LEU A 518 -30.52 15.28 -19.40
C LEU A 518 -29.41 15.84 -20.28
N SER A 519 -28.32 16.26 -19.64
CA SER A 519 -27.05 16.49 -20.31
C SER A 519 -26.17 15.28 -19.96
N THR A 520 -25.25 14.86 -20.83
CA THR A 520 -24.91 15.52 -22.09
C THR A 520 -25.49 14.66 -23.26
N PRO A 521 -25.30 15.07 -24.54
CA PRO A 521 -26.23 14.43 -25.48
C PRO A 521 -25.92 12.98 -25.84
N GLY A 522 -26.98 12.23 -26.14
CA GLY A 522 -26.87 10.82 -26.47
C GLY A 522 -28.11 10.05 -26.04
N SER A 523 -28.17 8.77 -26.39
CA SER A 523 -29.28 7.92 -25.97
C SER A 523 -29.18 7.61 -24.49
N LEU A 524 -30.22 6.99 -23.94
CA LEU A 524 -30.29 6.68 -22.52
C LEU A 524 -29.13 5.78 -22.07
N ARG A 525 -28.76 4.83 -22.92
CA ARG A 525 -27.68 3.90 -22.61
C ARG A 525 -26.31 4.56 -22.77
N GLN A 526 -26.23 5.56 -23.65
CA GLN A 526 -24.97 6.24 -23.93
C GLN A 526 -24.76 7.46 -23.04
N ARG A 527 -25.60 7.60 -22.02
CA ARG A 527 -25.45 8.69 -21.06
C ARG A 527 -25.09 8.16 -19.68
N PHE A 528 -25.61 6.98 -19.34
CA PHE A 528 -25.20 6.31 -18.12
C PHE A 528 -23.72 5.96 -18.21
N THR A 529 -23.26 5.68 -19.42
CA THR A 529 -21.85 5.39 -19.68
C THR A 529 -21.00 6.62 -19.40
N ILE A 530 -21.45 7.77 -19.89
CA ILE A 530 -20.75 9.03 -19.67
C ILE A 530 -20.71 9.39 -18.19
N LEU A 531 -21.81 9.15 -17.49
CA LEU A 531 -21.95 9.56 -16.10
C LEU A 531 -21.43 8.53 -15.11
N THR A 532 -20.90 7.41 -15.61
CA THR A 532 -20.27 6.43 -14.75
C THR A 532 -18.79 6.31 -15.08
N THR A 533 -18.39 7.00 -16.14
CA THR A 533 -16.97 7.08 -16.50
C THR A 533 -16.24 7.97 -15.51
N PRO A 534 -15.28 7.39 -14.78
CA PRO A 534 -14.48 8.14 -13.80
C PRO A 534 -13.70 9.27 -14.47
N TRP A 535 -13.33 10.29 -13.69
CA TRP A 535 -12.65 11.44 -14.26
C TRP A 535 -11.25 11.11 -14.78
N ARG A 536 -10.61 10.11 -14.18
CA ARG A 536 -9.25 9.76 -14.57
C ARG A 536 -9.20 8.76 -15.72
N ASP A 537 -10.08 8.96 -16.70
CA ASP A 537 -9.96 8.32 -18.00
C ASP A 537 -9.86 9.40 -19.08
N GLN A 538 -8.68 9.98 -19.21
CA GLN A 538 -8.44 11.03 -20.19
C GLN A 538 -7.37 10.63 -21.21
N GLU B 23 17.59 7.99 -10.77
CA GLU B 23 17.78 6.58 -10.42
C GLU B 23 18.23 6.40 -8.98
N ASN B 24 17.88 5.25 -8.41
CA ASN B 24 18.37 4.87 -7.09
C ASN B 24 19.27 3.65 -7.23
N VAL B 25 20.50 3.88 -7.66
CA VAL B 25 21.44 2.81 -7.98
C VAL B 25 21.82 1.98 -6.75
N LEU B 26 21.64 0.67 -6.87
CA LEU B 26 22.03 -0.26 -5.82
C LEU B 26 23.38 -0.89 -6.14
N THR B 27 24.29 -0.87 -5.17
CA THR B 27 25.61 -1.45 -5.37
C THR B 27 25.82 -2.65 -4.45
N GLN B 28 26.17 -3.79 -5.05
CA GLN B 28 26.41 -5.00 -4.29
C GLN B 28 27.89 -5.38 -4.31
N SER B 29 28.37 -5.87 -3.20
CA SER B 29 29.76 -6.25 -3.09
C SER B 29 29.71 -7.54 -2.33
N PRO B 30 30.46 -8.66 -2.72
CA PRO B 30 31.42 -8.46 -3.79
C PRO B 30 30.99 -9.15 -5.06
N ALA B 31 31.50 -8.75 -6.22
CA ALA B 31 30.99 -9.22 -7.51
C ALA B 31 31.10 -10.70 -7.84
N ILE B 32 32.25 -11.29 -7.59
CA ILE B 32 32.44 -12.74 -7.55
C ILE B 32 32.92 -13.16 -6.18
N MET B 33 32.31 -14.20 -5.63
CA MET B 33 32.65 -14.68 -4.30
C MET B 33 32.87 -16.20 -4.28
N SER B 34 34.07 -16.61 -3.88
CA SER B 34 34.39 -18.03 -3.79
C SER B 34 34.11 -18.56 -2.39
N THR B 35 33.61 -19.79 -2.30
CA THR B 35 33.24 -20.36 -1.00
C THR B 35 33.11 -21.88 -1.02
N SER B 36 33.84 -22.54 -0.12
CA SER B 36 33.71 -23.97 0.08
C SER B 36 32.48 -24.27 0.94
N PRO B 37 31.76 -25.36 0.61
CA PRO B 37 30.55 -25.76 1.35
C PRO B 37 30.77 -25.84 2.85
N GLY B 38 29.84 -25.26 3.61
CA GLY B 38 29.94 -25.25 5.06
C GLY B 38 30.24 -23.88 5.61
N GLU B 39 30.95 -23.07 4.83
CA GLU B 39 31.30 -21.71 5.25
C GLU B 39 30.07 -20.83 5.42
N LYS B 40 30.25 -19.73 6.14
CA LYS B 40 29.21 -18.72 6.26
C LYS B 40 29.57 -17.53 5.39
N VAL B 41 28.67 -17.15 4.49
CA VAL B 41 28.93 -16.04 3.59
C VAL B 41 27.97 -14.88 3.79
N THR B 42 28.44 -13.68 3.48
CA THR B 42 27.63 -12.48 3.61
C THR B 42 27.84 -11.55 2.43
N MET B 43 26.78 -11.32 1.67
CA MET B 43 26.80 -10.38 0.56
C MET B 43 26.07 -9.10 0.98
N THR B 44 26.62 -7.95 0.62
CA THR B 44 26.05 -6.67 1.03
C THR B 44 25.39 -5.94 -0.13
N CYS B 45 24.43 -5.07 0.20
CA CYS B 45 23.73 -4.27 -0.80
C CYS B 45 23.45 -2.87 -0.26
N ARG B 46 24.19 -1.90 -0.76
CA ARG B 46 24.03 -0.51 -0.31
C ARG B 46 23.38 0.36 -1.39
N ALA B 47 22.52 1.27 -0.96
CA ALA B 47 21.79 2.12 -1.89
C ALA B 47 22.33 3.56 -1.86
N SER B 48 22.22 4.25 -2.99
CA SER B 48 22.64 5.63 -3.08
C SER B 48 21.69 6.53 -2.30
N SER B 49 20.46 6.09 -2.14
CA SER B 49 19.46 6.83 -1.38
C SER B 49 18.78 5.91 -0.37
N SER B 50 18.18 6.52 0.66
CA SER B 50 17.52 5.75 1.70
C SER B 50 16.33 4.96 1.16
N VAL B 51 16.30 3.67 1.46
CA VAL B 51 15.24 2.79 0.98
C VAL B 51 14.44 2.22 2.15
N GLY B 52 13.12 2.23 2.02
CA GLY B 52 12.24 1.64 3.02
C GLY B 52 12.60 0.19 3.27
N SER B 53 12.58 -0.22 4.52
CA SER B 53 13.01 -1.56 4.91
C SER B 53 12.16 -2.66 4.27
N SER B 54 10.85 -2.44 4.21
CA SER B 54 9.94 -3.42 3.65
C SER B 54 9.86 -3.35 2.13
N TYR B 55 10.75 -2.56 1.53
CA TYR B 55 10.75 -2.37 0.08
C TYR B 55 12.00 -2.94 -0.58
N LEU B 56 12.88 -3.56 0.20
CA LEU B 56 14.07 -4.17 -0.36
C LEU B 56 13.93 -5.69 -0.42
N HIS B 57 14.18 -6.26 -1.60
CA HIS B 57 14.00 -7.68 -1.82
C HIS B 57 15.23 -8.32 -2.44
N TRP B 58 15.34 -9.64 -2.33
CA TRP B 58 16.47 -10.37 -2.88
C TRP B 58 16.03 -11.45 -3.86
N TYR B 59 16.81 -11.64 -4.92
CA TYR B 59 16.51 -12.65 -5.92
C TYR B 59 17.69 -13.57 -6.16
N GLN B 60 17.41 -14.85 -6.37
CA GLN B 60 18.44 -15.80 -6.78
C GLN B 60 18.24 -16.21 -8.22
N GLN B 61 19.31 -16.12 -9.01
CA GLN B 61 19.23 -16.54 -10.41
C GLN B 61 20.32 -17.55 -10.74
N LYS B 62 19.92 -18.82 -10.82
CA LYS B 62 20.84 -19.87 -11.25
C LYS B 62 21.07 -19.75 -12.76
N SER B 63 22.21 -20.29 -13.22
CA SER B 63 22.61 -20.14 -14.61
C SER B 63 21.63 -20.76 -15.60
N GLY B 64 21.37 -20.04 -16.68
CA GLY B 64 20.48 -20.51 -17.73
C GLY B 64 19.03 -20.59 -17.30
N ALA B 65 18.68 -19.82 -16.27
CA ALA B 65 17.32 -19.85 -15.74
C ALA B 65 16.86 -18.45 -15.31
N SER B 66 15.55 -18.24 -15.31
CA SER B 66 14.98 -16.98 -14.88
C SER B 66 15.11 -16.81 -13.37
N PRO B 67 15.26 -15.57 -12.90
CA PRO B 67 15.41 -15.30 -11.46
C PRO B 67 14.23 -15.76 -10.63
N LYS B 68 14.44 -15.90 -9.32
CA LYS B 68 13.39 -16.28 -8.39
C LYS B 68 13.39 -15.39 -7.16
N LEU B 69 12.20 -15.01 -6.70
CA LEU B 69 12.08 -14.26 -5.46
C LEU B 69 12.64 -15.10 -4.32
N TRP B 70 13.66 -14.58 -3.64
CA TRP B 70 14.35 -15.34 -2.61
C TRP B 70 14.07 -14.80 -1.22
N ILE B 71 14.26 -13.51 -1.04
CA ILE B 71 13.97 -12.85 0.24
C ILE B 71 13.24 -11.53 0.00
N TYR B 72 12.00 -11.45 0.47
CA TYR B 72 11.23 -10.22 0.34
C TYR B 72 11.14 -9.50 1.68
N SER B 73 10.94 -8.18 1.61
CA SER B 73 10.83 -7.35 2.81
C SER B 73 12.03 -7.54 3.74
N THR B 74 13.22 -7.36 3.17
CA THR B 74 14.49 -7.41 3.91
C THR B 74 14.84 -8.77 4.51
N SER B 75 14.01 -9.25 5.45
CA SER B 75 14.38 -10.44 6.22
C SER B 75 13.49 -11.65 5.95
N ASN B 76 12.27 -11.42 5.48
CA ASN B 76 11.33 -12.51 5.24
C ASN B 76 11.73 -13.40 4.07
N LEU B 77 12.00 -14.67 4.37
CA LEU B 77 12.35 -15.65 3.34
C LEU B 77 11.13 -15.95 2.46
N ALA B 78 11.38 -16.23 1.19
CA ALA B 78 10.30 -16.57 0.27
C ALA B 78 9.89 -18.03 0.45
N SER B 79 8.85 -18.44 -0.26
CA SER B 79 8.36 -19.81 -0.18
C SER B 79 9.29 -20.77 -0.89
N GLY B 80 9.78 -21.77 -0.16
CA GLY B 80 10.68 -22.76 -0.72
C GLY B 80 12.13 -22.51 -0.36
N VAL B 81 12.41 -21.31 0.15
CA VAL B 81 13.76 -20.95 0.54
C VAL B 81 14.11 -21.52 1.91
N PRO B 82 15.15 -22.36 1.97
CA PRO B 82 15.62 -23.00 3.20
C PRO B 82 15.97 -21.98 4.29
N ALA B 83 15.92 -22.42 5.54
CA ALA B 83 16.10 -21.52 6.68
C ALA B 83 17.54 -21.07 6.86
N ARG B 84 18.44 -21.55 5.99
CA ARG B 84 19.84 -21.19 6.08
C ARG B 84 20.07 -19.77 5.57
N PHE B 85 19.07 -19.22 4.90
CA PHE B 85 19.16 -17.85 4.39
C PHE B 85 18.58 -16.85 5.38
N SER B 86 19.07 -15.61 5.32
CA SER B 86 18.58 -14.55 6.18
C SER B 86 18.86 -13.18 5.56
N GLY B 87 18.17 -12.15 6.06
CA GLY B 87 18.36 -10.80 5.56
C GLY B 87 18.38 -9.78 6.67
N SER B 88 19.18 -8.74 6.49
CA SER B 88 19.29 -7.67 7.48
C SER B 88 19.69 -6.36 6.84
N GLY B 89 19.40 -5.25 7.53
CA GLY B 89 19.78 -3.94 7.05
C GLY B 89 18.67 -2.91 7.07
N SER B 90 19.04 -1.66 6.85
CA SER B 90 18.08 -0.56 6.83
C SER B 90 18.70 0.67 6.17
N GLY B 91 17.85 1.61 5.77
CA GLY B 91 18.30 2.86 5.17
C GLY B 91 19.08 2.68 3.89
N THR B 92 20.40 2.80 3.98
CA THR B 92 21.26 2.71 2.80
C THR B 92 22.29 1.58 2.93
N SER B 93 21.93 0.51 3.65
CA SER B 93 22.84 -0.61 3.85
C SER B 93 22.09 -1.88 4.21
N TYR B 94 22.10 -2.85 3.29
CA TYR B 94 21.44 -4.12 3.49
C TYR B 94 22.39 -5.28 3.19
N SER B 95 22.07 -6.47 3.67
CA SER B 95 22.94 -7.63 3.47
C SER B 95 22.21 -8.96 3.54
N LEU B 96 22.52 -9.84 2.59
CA LEU B 96 22.02 -11.22 2.61
C LEU B 96 23.10 -12.12 3.18
N THR B 97 22.69 -13.11 3.98
CA THR B 97 23.65 -13.98 4.65
C THR B 97 23.22 -15.45 4.63
N ILE B 98 24.11 -16.32 4.16
CA ILE B 98 23.88 -17.74 4.20
C ILE B 98 24.64 -18.37 5.35
N SER B 99 23.92 -18.96 6.29
CA SER B 99 24.52 -19.53 7.49
C SER B 99 25.52 -20.65 7.16
N SER B 100 25.03 -21.68 6.49
CA SER B 100 25.88 -22.80 6.08
C SER B 100 25.67 -23.12 4.60
N VAL B 101 26.65 -22.75 3.79
CA VAL B 101 26.53 -22.87 2.33
C VAL B 101 26.55 -24.33 1.85
N GLU B 102 25.60 -24.66 0.99
CA GLU B 102 25.59 -25.95 0.31
C GLU B 102 25.86 -25.74 -1.18
N ALA B 103 26.22 -26.81 -1.88
CA ALA B 103 26.63 -26.73 -3.27
C ALA B 103 25.51 -26.23 -4.19
N GLU B 104 24.26 -26.48 -3.81
CA GLU B 104 23.12 -26.11 -4.64
C GLU B 104 22.74 -24.63 -4.48
N ASP B 105 23.60 -23.87 -3.81
CA ASP B 105 23.36 -22.43 -3.62
C ASP B 105 24.22 -21.61 -4.58
N ALA B 106 24.95 -22.30 -5.45
CA ALA B 106 25.81 -21.63 -6.43
C ALA B 106 24.99 -20.92 -7.49
N ALA B 107 24.92 -19.59 -7.38
CA ALA B 107 24.15 -18.79 -8.32
C ALA B 107 24.54 -17.31 -8.24
N THR B 108 23.72 -16.45 -8.84
CA THR B 108 23.93 -15.02 -8.78
C THR B 108 22.76 -14.36 -8.04
N TYR B 109 23.08 -13.53 -7.05
CA TYR B 109 22.06 -12.95 -6.19
C TYR B 109 21.87 -11.47 -6.42
N TYR B 110 20.67 -11.07 -6.81
CA TYR B 110 20.35 -9.68 -7.04
C TYR B 110 19.45 -9.13 -5.94
N CYS B 111 19.83 -7.99 -5.38
CA CYS B 111 18.95 -7.27 -4.47
C CYS B 111 18.18 -6.22 -5.27
N GLN B 112 17.00 -5.85 -4.79
CA GLN B 112 16.17 -4.91 -5.52
C GLN B 112 15.38 -4.00 -4.57
N GLN B 113 15.51 -2.69 -4.73
CA GLN B 113 14.67 -1.74 -3.99
C GLN B 113 13.36 -1.40 -4.64
N PHE B 114 12.29 -1.48 -3.85
CA PHE B 114 10.97 -1.03 -4.29
C PHE B 114 10.58 0.37 -3.78
N SER B 115 11.47 1.04 -3.04
CA SER B 115 11.09 2.32 -2.44
C SER B 115 10.41 3.31 -3.39
N GLY B 116 11.00 3.52 -4.56
CA GLY B 116 10.45 4.44 -5.54
C GLY B 116 10.73 4.07 -6.98
N TYR B 117 10.15 4.82 -7.89
CA TYR B 117 10.29 4.55 -9.29
C TYR B 117 11.29 5.55 -9.80
N PRO B 118 12.25 5.20 -10.77
CA PRO B 118 12.11 3.89 -11.37
C PRO B 118 12.77 2.82 -10.56
N LEU B 119 12.24 1.60 -10.62
CA LEU B 119 12.76 0.49 -9.86
C LEU B 119 14.12 0.13 -10.36
N THR B 120 14.94 -0.28 -9.43
CA THR B 120 16.34 -0.61 -9.71
C THR B 120 16.79 -1.89 -9.04
N PHE B 121 17.55 -2.70 -9.78
CA PHE B 121 18.17 -3.90 -9.23
C PHE B 121 19.63 -3.62 -8.88
N GLY B 122 20.17 -4.42 -7.98
CA GLY B 122 21.58 -4.32 -7.64
C GLY B 122 22.42 -4.88 -8.77
N SER B 123 23.73 -4.60 -8.73
CA SER B 123 24.65 -5.11 -9.73
C SER B 123 24.71 -6.64 -9.67
N GLY B 124 24.42 -7.19 -8.49
CA GLY B 124 24.39 -8.62 -8.31
C GLY B 124 25.73 -9.18 -7.86
N THR B 125 25.67 -10.23 -7.04
CA THR B 125 26.87 -10.92 -6.59
C THR B 125 26.84 -12.37 -7.07
N LYS B 126 28.00 -12.92 -7.39
CA LYS B 126 28.08 -14.25 -7.97
C LYS B 126 28.76 -15.24 -7.02
N LEU B 127 28.06 -16.31 -6.69
CA LEU B 127 28.61 -17.36 -5.84
C LEU B 127 29.25 -18.47 -6.66
N GLU B 128 30.47 -18.84 -6.28
CA GLU B 128 31.16 -19.96 -6.91
C GLU B 128 31.82 -20.84 -5.85
N MET B 129 31.60 -22.14 -5.94
CA MET B 129 32.14 -23.06 -4.95
C MET B 129 33.65 -23.21 -5.09
N LYS B 130 34.29 -23.65 -4.00
CA LYS B 130 35.73 -23.86 -4.01
C LYS B 130 36.09 -25.33 -4.23
N ARG B 131 37.26 -25.56 -4.80
CA ARG B 131 37.71 -26.91 -5.14
C ARG B 131 39.21 -27.02 -4.98
N ALA B 132 39.70 -28.23 -4.70
CA ALA B 132 41.13 -28.49 -4.73
C ALA B 132 41.66 -28.19 -6.13
N ASP B 133 42.68 -27.33 -6.20
CA ASP B 133 43.21 -26.86 -7.48
C ASP B 133 43.62 -28.00 -8.40
N ALA B 134 43.22 -27.90 -9.67
CA ALA B 134 43.50 -28.95 -10.64
C ALA B 134 44.25 -28.41 -11.85
N ALA B 135 45.20 -29.19 -12.35
CA ALA B 135 45.94 -28.84 -13.56
C ALA B 135 45.09 -29.16 -14.79
N PRO B 136 45.15 -28.29 -15.81
CA PRO B 136 44.31 -28.46 -17.00
C PRO B 136 44.79 -29.59 -17.92
N THR B 137 43.84 -30.24 -18.59
CA THR B 137 44.17 -31.23 -19.60
C THR B 137 44.15 -30.55 -20.97
N VAL B 138 45.34 -30.19 -21.45
CA VAL B 138 45.46 -29.39 -22.67
C VAL B 138 45.49 -30.25 -23.92
N SER B 139 44.68 -29.88 -24.91
CA SER B 139 44.63 -30.58 -26.18
C SER B 139 44.72 -29.60 -27.35
N ILE B 140 45.62 -29.88 -28.29
CA ILE B 140 45.83 -28.98 -29.42
C ILE B 140 45.37 -29.64 -30.73
N PHE B 141 44.80 -28.84 -31.63
CA PHE B 141 44.23 -29.36 -32.86
C PHE B 141 44.70 -28.61 -34.09
N PRO B 142 45.07 -29.34 -35.16
CA PRO B 142 45.39 -28.73 -36.44
C PRO B 142 44.14 -28.21 -37.13
N PRO B 143 44.29 -27.18 -37.98
CA PRO B 143 43.15 -26.71 -38.78
C PRO B 143 42.61 -27.82 -39.66
N SER B 144 41.28 -27.97 -39.68
CA SER B 144 40.64 -28.98 -40.51
C SER B 144 40.95 -28.73 -41.98
N SER B 145 40.97 -29.81 -42.77
CA SER B 145 41.27 -29.70 -44.20
C SER B 145 40.20 -28.91 -44.94
N GLU B 146 39.02 -28.81 -44.34
CA GLU B 146 37.90 -28.09 -44.94
C GLU B 146 38.08 -26.58 -44.80
N GLN B 147 38.61 -26.15 -43.66
CA GLN B 147 38.87 -24.74 -43.42
C GLN B 147 40.01 -24.27 -44.32
N LEU B 148 40.96 -25.17 -44.58
CA LEU B 148 42.08 -24.87 -45.46
C LEU B 148 41.61 -24.69 -46.90
N THR B 149 40.43 -25.26 -47.20
CA THR B 149 39.85 -25.15 -48.54
C THR B 149 39.24 -23.77 -48.76
N SER B 150 38.62 -23.23 -47.71
CA SER B 150 37.98 -21.93 -47.80
C SER B 150 39.01 -20.79 -47.83
N GLY B 151 40.20 -21.07 -47.30
CA GLY B 151 41.27 -20.09 -47.29
C GLY B 151 41.69 -19.68 -45.89
N GLY B 152 41.13 -20.36 -44.88
CA GLY B 152 41.44 -20.06 -43.50
C GLY B 152 42.14 -21.21 -42.80
N ALA B 153 42.57 -20.97 -41.56
CA ALA B 153 43.25 -21.99 -40.78
C ALA B 153 43.21 -21.64 -39.29
N SER B 154 42.33 -22.32 -38.55
CA SER B 154 42.18 -22.04 -37.12
C SER B 154 42.73 -23.19 -36.27
N VAL B 155 43.85 -22.93 -35.61
CA VAL B 155 44.41 -23.89 -34.67
C VAL B 155 43.69 -23.76 -33.32
N VAL B 156 42.99 -24.83 -32.93
CA VAL B 156 42.20 -24.82 -31.70
C VAL B 156 42.94 -25.50 -30.56
N CYS B 157 42.92 -24.87 -29.39
CA CYS B 157 43.57 -25.41 -28.21
C CYS B 157 42.60 -25.48 -27.03
N PHE B 158 42.25 -26.70 -26.63
CA PHE B 158 41.33 -26.91 -25.52
C PHE B 158 42.06 -27.08 -24.19
N LEU B 159 41.52 -26.45 -23.16
CA LEU B 159 42.08 -26.55 -21.81
C LEU B 159 40.97 -26.93 -20.83
N ASN B 160 40.99 -28.17 -20.35
CA ASN B 160 39.86 -28.70 -19.60
C ASN B 160 40.14 -29.03 -18.13
N ASN B 161 39.11 -28.86 -17.31
CA ASN B 161 39.12 -29.27 -15.91
C ASN B 161 40.24 -28.68 -15.07
N PHE B 162 40.16 -27.39 -14.80
CA PHE B 162 41.10 -26.79 -13.87
C PHE B 162 40.39 -25.91 -12.89
N TYR B 163 41.06 -25.60 -11.80
CA TYR B 163 40.62 -24.58 -10.87
C TYR B 163 41.88 -23.95 -10.34
N PRO B 164 41.91 -22.64 -10.14
CA PRO B 164 40.83 -21.68 -10.31
C PRO B 164 40.64 -21.18 -11.72
N LYS B 165 39.57 -20.44 -11.93
CA LYS B 165 39.12 -20.07 -13.26
C LYS B 165 40.18 -19.37 -14.09
N ASP B 166 41.00 -18.56 -13.44
CA ASP B 166 42.00 -17.77 -14.15
C ASP B 166 43.15 -18.63 -14.69
N ILE B 167 43.31 -18.62 -16.00
CA ILE B 167 44.42 -19.29 -16.65
C ILE B 167 44.87 -18.46 -17.85
N ASN B 168 46.11 -18.66 -18.29
CA ASN B 168 46.67 -17.86 -19.38
C ASN B 168 47.29 -18.71 -20.48
N VAL B 169 46.66 -18.71 -21.65
CA VAL B 169 47.13 -19.49 -22.80
C VAL B 169 48.22 -18.70 -23.53
N LYS B 170 49.11 -19.42 -24.22
CA LYS B 170 50.26 -18.80 -24.88
C LYS B 170 50.50 -19.42 -26.25
N TRP B 171 50.28 -18.64 -27.31
CA TRP B 171 50.47 -19.14 -28.67
C TRP B 171 51.88 -18.87 -29.20
N LYS B 172 52.50 -19.91 -29.76
CA LYS B 172 53.83 -19.79 -30.34
C LYS B 172 53.92 -20.49 -31.69
N ILE B 173 54.41 -19.85 -32.72
CA ILE B 173 54.66 -20.61 -33.92
C ILE B 173 56.12 -20.56 -34.28
N ASP B 174 56.73 -21.73 -34.41
CA ASP B 174 58.15 -21.81 -34.75
C ASP B 174 59.02 -21.09 -33.72
N GLY B 175 58.63 -21.19 -32.45
CA GLY B 175 59.41 -20.61 -31.37
C GLY B 175 59.22 -19.12 -31.16
N SER B 176 58.24 -18.53 -31.85
CA SER B 176 57.96 -17.11 -31.73
C SER B 176 56.57 -16.87 -31.16
N GLU B 177 56.49 -16.01 -30.14
CA GLU B 177 55.21 -15.72 -29.51
C GLU B 177 54.28 -14.93 -30.42
N ARG B 178 53.17 -15.57 -30.82
CA ARG B 178 52.13 -14.90 -31.59
C ARG B 178 50.97 -14.55 -30.67
N GLN B 179 50.56 -13.28 -30.69
CA GLN B 179 49.61 -12.80 -29.69
C GLN B 179 48.37 -12.12 -30.28
N ASN B 180 48.19 -12.21 -31.59
CA ASN B 180 47.02 -11.61 -32.22
C ASN B 180 46.27 -12.62 -33.09
N GLY B 181 44.94 -12.50 -33.08
CA GLY B 181 44.09 -13.34 -33.90
C GLY B 181 43.58 -14.56 -33.16
N VAL B 182 43.60 -14.52 -31.84
CA VAL B 182 43.14 -15.65 -31.04
C VAL B 182 41.82 -15.32 -30.33
N LEU B 183 41.03 -16.35 -30.10
CA LEU B 183 39.74 -16.19 -29.42
C LEU B 183 39.66 -17.08 -28.19
N ASN B 184 39.57 -16.46 -27.02
CA ASN B 184 39.46 -17.20 -25.77
C ASN B 184 38.03 -17.26 -25.28
N SER B 185 37.67 -18.37 -24.64
CA SER B 185 36.32 -18.54 -24.13
C SER B 185 36.28 -19.50 -22.94
N TRP B 186 35.98 -18.96 -21.76
CA TRP B 186 35.83 -19.77 -20.56
C TRP B 186 34.41 -20.31 -20.44
N THR B 187 34.26 -21.39 -19.68
CA THR B 187 32.94 -21.94 -19.39
C THR B 187 32.50 -21.54 -17.99
N ASP B 188 31.22 -21.76 -17.69
CA ASP B 188 30.73 -21.58 -16.33
C ASP B 188 31.25 -22.72 -15.47
N GLN B 189 31.23 -22.53 -14.15
CA GLN B 189 31.74 -23.56 -13.26
C GLN B 189 30.90 -24.82 -13.33
N ASP B 190 31.57 -25.96 -13.51
CA ASP B 190 30.91 -27.25 -13.61
C ASP B 190 30.12 -27.53 -12.33
N SER B 191 28.95 -28.15 -12.48
CA SER B 191 28.08 -28.39 -11.34
C SER B 191 28.30 -29.78 -10.75
N LYS B 192 29.35 -30.47 -11.20
CA LYS B 192 29.66 -31.80 -10.70
C LYS B 192 31.03 -31.84 -10.03
N ASP B 193 32.06 -31.42 -10.76
CA ASP B 193 33.41 -31.42 -10.20
C ASP B 193 33.92 -30.01 -9.93
N SER B 194 33.09 -29.02 -10.24
CA SER B 194 33.38 -27.61 -9.98
C SER B 194 34.70 -27.14 -10.61
N THR B 195 34.93 -27.54 -11.86
CA THR B 195 36.11 -27.11 -12.59
C THR B 195 35.74 -26.17 -13.73
N TYR B 196 36.74 -25.57 -14.35
CA TYR B 196 36.52 -24.65 -15.47
C TYR B 196 37.19 -25.18 -16.73
N SER B 197 36.88 -24.55 -17.87
CA SER B 197 37.48 -24.93 -19.14
C SER B 197 37.56 -23.74 -20.09
N MET B 198 38.63 -23.69 -20.88
CA MET B 198 38.85 -22.57 -21.78
C MET B 198 39.27 -23.06 -23.18
N SER B 199 38.83 -22.35 -24.21
CA SER B 199 39.13 -22.71 -25.59
C SER B 199 39.79 -21.59 -26.36
N SER B 200 41.10 -21.71 -26.59
CA SER B 200 41.84 -20.73 -27.38
C SER B 200 41.82 -21.13 -28.86
N THR B 201 41.48 -20.18 -29.72
CA THR B 201 41.38 -20.47 -31.15
C THR B 201 42.21 -19.48 -31.98
N LEU B 202 43.44 -19.88 -32.30
CA LEU B 202 44.31 -19.06 -33.15
C LEU B 202 43.88 -19.15 -34.60
N THR B 203 43.25 -18.08 -35.10
CA THR B 203 42.75 -18.06 -36.47
C THR B 203 43.77 -17.44 -37.43
N LEU B 204 44.12 -18.20 -38.46
CA LEU B 204 45.11 -17.78 -39.43
C LEU B 204 44.57 -17.90 -40.86
N THR B 205 45.17 -17.14 -41.77
CA THR B 205 44.92 -17.34 -43.19
C THR B 205 45.75 -18.54 -43.64
N LYS B 206 45.26 -19.27 -44.63
CA LYS B 206 45.94 -20.48 -45.08
C LYS B 206 47.40 -20.23 -45.47
N ASP B 207 47.67 -19.10 -46.10
CA ASP B 207 49.02 -18.77 -46.53
C ASP B 207 49.93 -18.61 -45.31
N GLU B 208 49.56 -17.71 -44.41
CA GLU B 208 50.33 -17.46 -43.19
C GLU B 208 50.49 -18.74 -42.38
N TYR B 209 49.55 -19.66 -42.56
CA TYR B 209 49.58 -20.96 -41.90
C TYR B 209 50.70 -21.86 -42.45
N GLU B 210 51.15 -21.60 -43.67
CA GLU B 210 52.05 -22.51 -44.37
C GLU B 210 53.47 -21.98 -44.59
N ARG B 211 53.67 -20.69 -44.40
CA ARG B 211 55.02 -20.11 -44.41
C ARG B 211 55.70 -20.51 -43.10
N HIS B 212 54.90 -21.06 -42.20
CA HIS B 212 55.33 -21.31 -40.82
C HIS B 212 55.22 -22.78 -40.40
N ASN B 213 56.29 -23.26 -39.76
CA ASN B 213 56.49 -24.68 -39.55
C ASN B 213 55.62 -25.32 -38.47
N SER B 214 55.48 -24.66 -37.33
CA SER B 214 54.89 -25.36 -36.18
C SER B 214 53.94 -24.52 -35.33
N TYR B 215 53.18 -25.20 -34.47
CA TYR B 215 52.16 -24.55 -33.65
C TYR B 215 52.18 -25.08 -32.23
N THR B 216 52.14 -24.16 -31.28
CA THR B 216 52.26 -24.48 -29.87
C THR B 216 51.38 -23.59 -28.99
N CYS B 217 50.60 -24.21 -28.11
CA CYS B 217 49.84 -23.46 -27.11
C CYS B 217 50.27 -23.87 -25.70
N GLU B 218 50.61 -22.88 -24.88
CA GLU B 218 51.10 -23.14 -23.53
C GLU B 218 50.15 -22.63 -22.46
N ALA B 219 49.92 -23.46 -21.45
CA ALA B 219 49.00 -23.11 -20.36
C ALA B 219 49.74 -22.75 -19.08
N THR B 220 49.81 -21.46 -18.79
CA THR B 220 50.44 -20.99 -17.56
C THR B 220 49.41 -20.87 -16.45
N HIS B 221 49.32 -21.92 -15.64
CA HIS B 221 48.36 -21.95 -14.54
C HIS B 221 49.11 -21.96 -13.20
N LYS B 222 48.40 -21.68 -12.12
CA LYS B 222 49.03 -21.61 -10.80
C LYS B 222 49.33 -23.00 -10.24
N THR B 223 48.69 -24.02 -10.81
CA THR B 223 48.89 -25.39 -10.34
C THR B 223 50.28 -25.91 -10.66
N SER B 224 50.94 -25.28 -11.63
CA SER B 224 52.29 -25.69 -12.02
C SER B 224 53.24 -24.50 -12.09
N THR B 225 54.51 -24.75 -11.78
CA THR B 225 55.53 -23.71 -11.83
C THR B 225 55.83 -23.35 -13.28
N SER B 226 55.89 -24.37 -14.14
CA SER B 226 56.16 -24.17 -15.55
C SER B 226 54.97 -24.68 -16.39
N PRO B 227 54.69 -24.03 -17.53
CA PRO B 227 53.49 -24.27 -18.33
C PRO B 227 53.33 -25.69 -18.88
N ILE B 228 52.08 -26.09 -19.10
CA ILE B 228 51.76 -27.35 -19.77
C ILE B 228 51.73 -27.15 -21.27
N VAL B 229 52.74 -27.66 -21.96
CA VAL B 229 52.96 -27.38 -23.37
C VAL B 229 52.32 -28.43 -24.29
N LYS B 230 51.77 -27.97 -25.41
CA LYS B 230 51.21 -28.86 -26.43
C LYS B 230 51.58 -28.39 -27.83
N SER B 231 52.26 -29.26 -28.58
CA SER B 231 52.72 -28.92 -29.92
C SER B 231 52.40 -30.01 -30.94
N PHE B 232 52.21 -29.59 -32.19
CA PHE B 232 51.98 -30.50 -33.30
C PHE B 232 52.56 -29.90 -34.58
N ASN B 233 52.84 -30.73 -35.57
CA ASN B 233 53.39 -30.22 -36.83
C ASN B 233 52.77 -30.92 -38.05
N ARG B 234 52.88 -30.29 -39.21
CA ARG B 234 52.26 -30.80 -40.43
C ARG B 234 53.10 -31.90 -41.09
N ASN B 235 54.38 -31.88 -40.78
CA ASN B 235 55.31 -32.84 -41.33
C ASN B 235 55.25 -34.11 -40.53
N GLU B 236 54.03 -34.51 -40.17
CA GLU B 236 53.84 -35.73 -39.43
C GLU B 236 52.36 -35.94 -39.20
N GLU C 21 1.16 -24.24 -10.86
CA GLU C 21 -0.06 -23.51 -11.19
C GLU C 21 0.25 -22.25 -11.98
N VAL C 22 0.85 -21.27 -11.31
CA VAL C 22 1.23 -20.02 -11.95
C VAL C 22 2.32 -20.24 -12.98
N GLN C 23 2.06 -19.83 -14.22
CA GLN C 23 3.02 -20.01 -15.30
C GLN C 23 3.00 -18.83 -16.26
N LEU C 24 4.17 -18.26 -16.53
CA LEU C 24 4.29 -17.15 -17.46
C LEU C 24 5.22 -17.52 -18.62
N VAL C 25 4.73 -17.33 -19.84
CA VAL C 25 5.52 -17.62 -21.03
C VAL C 25 5.67 -16.36 -21.87
N GLU C 26 6.89 -16.11 -22.35
CA GLU C 26 7.16 -14.94 -23.17
C GLU C 26 7.34 -15.31 -24.64
N SER C 27 6.55 -14.68 -25.51
CA SER C 27 6.66 -14.90 -26.95
C SER C 27 7.34 -13.70 -27.61
N GLY C 28 7.19 -13.61 -28.92
CA GLY C 28 7.83 -12.55 -29.69
C GLY C 28 9.34 -12.67 -29.63
N GLY C 29 10.02 -11.54 -29.76
CA GLY C 29 11.47 -11.51 -29.67
C GLY C 29 12.15 -12.03 -30.92
N GLY C 30 13.41 -11.64 -31.09
CA GLY C 30 14.19 -12.05 -32.25
C GLY C 30 15.24 -11.03 -32.63
N LEU C 31 15.57 -10.97 -33.92
CA LEU C 31 16.55 -10.01 -34.42
C LEU C 31 15.85 -8.81 -35.06
N VAL C 32 16.19 -7.62 -34.57
CA VAL C 32 15.61 -6.38 -35.10
C VAL C 32 16.70 -5.36 -35.41
N LYS C 33 16.63 -4.76 -36.58
CA LYS C 33 17.59 -3.74 -36.98
C LYS C 33 17.25 -2.40 -36.35
N PRO C 34 18.29 -1.62 -35.96
CA PRO C 34 18.16 -0.33 -35.27
C PRO C 34 17.10 0.59 -35.85
N GLY C 35 16.21 1.09 -34.98
CA GLY C 35 15.12 1.95 -35.40
C GLY C 35 13.85 1.16 -35.63
N GLY C 36 13.98 -0.16 -35.68
CA GLY C 36 12.85 -1.03 -35.95
C GLY C 36 11.84 -1.10 -34.82
N SER C 37 10.88 -2.00 -34.95
CA SER C 37 9.82 -2.15 -33.96
C SER C 37 9.40 -3.61 -33.79
N LEU C 38 9.21 -4.03 -32.54
CA LEU C 38 8.81 -5.39 -32.25
C LEU C 38 7.88 -5.45 -31.04
N LYS C 39 6.93 -6.37 -31.08
CA LYS C 39 5.95 -6.50 -30.01
C LYS C 39 6.11 -7.80 -29.23
N LEU C 40 6.47 -7.68 -27.96
CA LEU C 40 6.64 -8.85 -27.09
C LEU C 40 5.34 -9.14 -26.34
N SER C 41 5.08 -10.42 -26.07
CA SER C 41 3.85 -10.80 -25.39
C SER C 41 4.11 -11.80 -24.26
N CYS C 42 3.22 -11.80 -23.27
CA CYS C 42 3.35 -12.69 -22.13
C CYS C 42 2.02 -13.39 -21.84
N ALA C 43 2.00 -14.71 -21.94
CA ALA C 43 0.79 -15.48 -21.72
C ALA C 43 0.71 -16.03 -20.30
N ALA C 44 -0.28 -15.58 -19.54
CA ALA C 44 -0.41 -15.95 -18.13
C ALA C 44 -1.42 -17.07 -17.93
N SER C 45 -1.25 -17.81 -16.82
CA SER C 45 -2.14 -18.90 -16.47
C SER C 45 -1.93 -19.34 -15.02
N GLY C 46 -3.03 -19.57 -14.31
CA GLY C 46 -2.94 -20.08 -12.95
C GLY C 46 -3.29 -19.06 -11.87
N PHE C 47 -3.85 -17.93 -12.29
CA PHE C 47 -4.23 -16.88 -11.36
C PHE C 47 -5.14 -15.85 -12.02
N THR C 48 -5.97 -15.20 -11.22
CA THR C 48 -6.81 -14.11 -11.72
C THR C 48 -5.93 -12.97 -12.20
N PHE C 49 -5.69 -12.94 -13.52
CA PHE C 49 -4.76 -12.00 -14.13
C PHE C 49 -5.12 -10.54 -13.87
N SER C 50 -6.43 -10.25 -13.79
CA SER C 50 -6.90 -8.89 -13.58
C SER C 50 -6.78 -8.45 -12.12
N SER C 51 -5.87 -9.08 -11.39
CA SER C 51 -5.66 -8.77 -9.98
C SER C 51 -4.18 -8.70 -9.64
N TYR C 52 -3.34 -8.71 -10.66
CA TYR C 52 -1.89 -8.68 -10.45
C TYR C 52 -1.18 -7.75 -11.43
N ALA C 53 -0.55 -6.71 -10.88
CA ALA C 53 0.21 -5.77 -11.69
C ALA C 53 1.43 -6.43 -12.32
N MET C 54 1.44 -6.51 -13.64
CA MET C 54 2.56 -7.11 -14.36
C MET C 54 3.68 -6.10 -14.56
N SER C 55 4.86 -6.60 -14.93
CA SER C 55 6.01 -5.73 -15.16
C SER C 55 7.06 -6.41 -16.04
N TRP C 56 7.64 -5.64 -16.96
CA TRP C 56 8.69 -6.15 -17.83
C TRP C 56 10.08 -5.82 -17.28
N VAL C 57 10.92 -6.85 -17.14
CA VAL C 57 12.30 -6.67 -16.69
C VAL C 57 13.25 -7.34 -17.67
N ARG C 58 14.19 -6.59 -18.20
CA ARG C 58 15.15 -7.13 -19.16
C ARG C 58 16.51 -7.37 -18.52
N GLN C 59 17.28 -8.28 -19.12
CA GLN C 59 18.60 -8.60 -18.62
C GLN C 59 19.64 -8.58 -19.74
N SER C 60 20.53 -7.61 -19.68
CA SER C 60 21.61 -7.46 -20.66
C SER C 60 22.49 -8.71 -20.72
N PRO C 61 23.19 -8.93 -21.84
CA PRO C 61 24.03 -10.12 -22.00
C PRO C 61 25.13 -10.29 -20.96
N GLU C 62 25.38 -9.26 -20.16
CA GLU C 62 26.34 -9.37 -19.07
C GLU C 62 25.63 -9.74 -17.76
N LYS C 63 24.45 -10.32 -17.90
CA LYS C 63 23.65 -10.79 -16.77
C LYS C 63 23.39 -9.68 -15.75
N ARG C 64 22.94 -8.53 -16.24
CA ARG C 64 22.60 -7.40 -15.37
C ARG C 64 21.13 -7.05 -15.49
N LEU C 65 20.43 -7.03 -14.36
CA LEU C 65 18.98 -6.81 -14.37
C LEU C 65 18.62 -5.33 -14.43
N GLU C 66 17.57 -5.02 -15.17
CA GLU C 66 17.09 -3.65 -15.33
C GLU C 66 15.59 -3.61 -15.55
N TRP C 67 14.89 -2.88 -14.68
CA TRP C 67 13.44 -2.73 -14.79
C TRP C 67 13.08 -1.85 -15.99
N VAL C 68 11.99 -2.19 -16.66
CA VAL C 68 11.57 -1.47 -17.85
C VAL C 68 10.25 -0.73 -17.67
N ALA C 69 9.19 -1.49 -17.38
CA ALA C 69 7.85 -0.91 -17.26
C ALA C 69 6.93 -1.73 -16.38
N GLU C 70 6.13 -1.05 -15.56
CA GLU C 70 5.12 -1.71 -14.74
C GLU C 70 3.71 -1.30 -15.20
N ILE C 71 2.79 -2.24 -15.19
CA ILE C 71 1.40 -1.96 -15.53
C ILE C 71 0.49 -2.47 -14.42
N SER C 72 -0.54 -1.70 -14.09
CA SER C 72 -1.44 -2.05 -13.01
C SER C 72 -2.35 -3.22 -13.37
N SER C 73 -3.12 -3.69 -12.38
CA SER C 73 -4.04 -4.80 -12.58
C SER C 73 -5.15 -4.41 -13.56
N GLY C 74 -5.46 -3.12 -13.61
CA GLY C 74 -6.45 -2.60 -14.52
C GLY C 74 -5.82 -1.80 -15.65
N GLY C 75 -4.50 -1.64 -15.56
CA GLY C 75 -3.76 -0.92 -16.59
C GLY C 75 -4.07 0.56 -16.62
N ARG C 76 -4.28 1.15 -15.44
CA ARG C 76 -4.60 2.56 -15.35
C ARG C 76 -3.40 3.38 -14.88
N TYR C 77 -2.49 2.73 -14.17
CA TYR C 77 -1.26 3.38 -13.72
C TYR C 77 -0.05 2.75 -14.40
N ILE C 78 0.67 3.54 -15.19
CA ILE C 78 1.81 3.05 -15.94
C ILE C 78 3.10 3.73 -15.49
N TYR C 79 4.15 2.94 -15.29
CA TYR C 79 5.44 3.47 -14.89
C TYR C 79 6.55 2.98 -15.82
N TYR C 80 7.35 3.91 -16.33
CA TYR C 80 8.46 3.57 -17.21
C TYR C 80 9.81 3.95 -16.60
N SER C 81 10.87 3.34 -17.12
CA SER C 81 12.23 3.78 -16.80
C SER C 81 12.59 4.92 -17.74
N ASP C 82 13.62 5.69 -17.37
CA ASP C 82 13.97 6.89 -18.12
C ASP C 82 14.78 6.57 -19.38
N THR C 83 15.44 5.42 -19.37
CA THR C 83 16.22 4.98 -20.53
C THR C 83 15.31 4.41 -21.61
N VAL C 84 14.05 4.19 -21.24
CA VAL C 84 13.10 3.50 -22.11
C VAL C 84 11.94 4.40 -22.53
N THR C 85 11.48 5.25 -21.62
CA THR C 85 10.30 6.08 -21.82
C THR C 85 10.31 6.85 -23.14
N GLY C 86 9.12 7.03 -23.70
CA GLY C 86 8.98 7.73 -24.97
C GLY C 86 9.00 6.80 -26.16
N ARG C 87 9.57 5.61 -25.98
CA ARG C 87 9.69 4.65 -27.06
C ARG C 87 8.78 3.44 -26.88
N PHE C 88 8.86 2.81 -25.71
CA PHE C 88 8.11 1.58 -25.47
C PHE C 88 6.69 1.89 -25.03
N THR C 89 5.83 0.89 -25.08
CA THR C 89 4.45 1.04 -24.63
C THR C 89 3.90 -0.27 -24.11
N ILE C 90 3.90 -0.42 -22.78
CA ILE C 90 3.40 -1.63 -22.15
C ILE C 90 1.86 -1.67 -22.25
N SER C 91 1.32 -2.86 -22.52
CA SER C 91 -0.11 -3.00 -22.73
C SER C 91 -0.66 -4.22 -21.98
N ARG C 92 -1.96 -4.22 -21.74
CA ARG C 92 -2.59 -5.30 -20.99
C ARG C 92 -3.89 -5.75 -21.63
N ASP C 93 -4.16 -7.05 -21.56
CA ASP C 93 -5.42 -7.61 -22.01
C ASP C 93 -5.94 -8.61 -20.99
N ASN C 94 -6.63 -8.09 -19.98
CA ASN C 94 -7.14 -8.92 -18.88
C ASN C 94 -8.19 -9.92 -19.33
N ALA C 95 -8.74 -9.70 -20.53
CA ALA C 95 -9.73 -10.60 -21.09
C ALA C 95 -9.12 -11.94 -21.48
N ARG C 96 -8.02 -11.89 -22.23
CA ARG C 96 -7.36 -13.10 -22.70
C ARG C 96 -6.10 -13.41 -21.89
N ASN C 97 -5.91 -12.69 -20.79
CA ASN C 97 -4.78 -12.87 -19.89
C ASN C 97 -3.43 -12.75 -20.61
N ILE C 98 -3.23 -11.65 -21.32
CA ILE C 98 -1.99 -11.44 -22.06
C ILE C 98 -1.36 -10.08 -21.72
N LEU C 99 -0.04 -10.07 -21.53
CA LEU C 99 0.70 -8.84 -21.29
C LEU C 99 1.56 -8.48 -22.50
N HIS C 100 1.36 -7.29 -23.05
CA HIS C 100 2.09 -6.86 -24.23
C HIS C 100 3.17 -5.82 -23.90
N LEU C 101 4.15 -5.71 -24.79
CA LEU C 101 5.17 -4.66 -24.70
C LEU C 101 5.60 -4.26 -26.11
N GLU C 102 5.07 -3.13 -26.57
CA GLU C 102 5.34 -2.66 -27.93
C GLU C 102 6.54 -1.71 -27.94
N MET C 103 7.56 -2.07 -28.71
CA MET C 103 8.81 -1.32 -28.73
C MET C 103 9.01 -0.63 -30.07
N SER C 104 9.59 0.57 -30.03
CA SER C 104 9.87 1.32 -31.25
C SER C 104 11.16 2.13 -31.11
N SER C 105 11.76 2.48 -32.25
CA SER C 105 13.04 3.18 -32.28
C SER C 105 14.08 2.44 -31.45
N LEU C 106 14.23 1.15 -31.72
CA LEU C 106 15.12 0.30 -30.95
C LEU C 106 16.58 0.61 -31.21
N ARG C 107 17.38 0.59 -30.13
CA ARG C 107 18.82 0.77 -30.23
C ARG C 107 19.52 -0.47 -29.70
N SER C 108 20.82 -0.57 -29.93
CA SER C 108 21.60 -1.75 -29.58
C SER C 108 21.58 -2.03 -28.08
N GLU C 109 21.33 -1.01 -27.28
CA GLU C 109 21.30 -1.14 -25.83
C GLU C 109 20.12 -1.98 -25.37
N ASP C 110 19.08 -2.04 -26.20
CA ASP C 110 17.86 -2.76 -25.86
C ASP C 110 18.03 -4.28 -25.97
N THR C 111 19.19 -4.70 -26.43
CA THR C 111 19.50 -6.12 -26.57
C THR C 111 19.54 -6.81 -25.22
N ALA C 112 18.57 -7.67 -24.96
CA ALA C 112 18.48 -8.36 -23.67
C ALA C 112 17.49 -9.52 -23.70
N MET C 113 17.45 -10.28 -22.61
CA MET C 113 16.42 -11.29 -22.41
C MET C 113 15.28 -10.67 -21.60
N TYR C 114 14.18 -10.36 -22.25
CA TYR C 114 13.06 -9.68 -21.60
C TYR C 114 12.18 -10.65 -20.82
N TYR C 115 12.02 -10.38 -19.53
CA TYR C 115 11.25 -11.24 -18.64
C TYR C 115 9.87 -10.66 -18.33
N CYS C 116 8.95 -11.55 -17.98
CA CYS C 116 7.59 -11.16 -17.59
C CYS C 116 7.39 -11.46 -16.11
N ALA C 117 7.03 -10.43 -15.34
CA ALA C 117 6.90 -10.58 -13.89
C ALA C 117 5.59 -9.98 -13.38
N ARG C 118 5.12 -10.45 -12.22
CA ARG C 118 3.89 -9.93 -11.65
C ARG C 118 4.06 -9.40 -10.23
N GLY C 119 4.56 -8.18 -10.11
CA GLY C 119 4.73 -7.54 -8.82
C GLY C 119 3.53 -6.71 -8.43
N GLU C 120 2.41 -7.38 -8.14
CA GLU C 120 1.20 -6.70 -7.69
C GLU C 120 1.39 -6.07 -6.32
N VAL C 121 2.02 -6.79 -5.40
CA VAL C 121 2.28 -6.20 -4.09
C VAL C 121 3.66 -5.64 -3.97
N ARG C 122 3.74 -4.34 -3.76
CA ARG C 122 5.01 -3.69 -3.71
C ARG C 122 5.83 -4.19 -2.56
N GLN C 123 5.24 -4.39 -1.39
CA GLN C 123 6.18 -4.74 -0.33
C GLN C 123 6.63 -6.19 -0.40
N ARG C 124 6.53 -6.79 -1.59
CA ARG C 124 6.92 -8.19 -1.75
C ARG C 124 7.80 -8.40 -2.97
N GLY C 125 7.55 -7.62 -4.02
CA GLY C 125 8.33 -7.73 -5.24
C GLY C 125 7.73 -8.71 -6.22
N PHE C 126 8.53 -9.12 -7.20
CA PHE C 126 8.09 -10.03 -8.26
C PHE C 126 8.16 -11.49 -7.79
N ASP C 127 7.01 -12.10 -7.55
CA ASP C 127 6.95 -13.44 -6.99
C ASP C 127 7.07 -14.55 -8.05
N TYR C 128 6.74 -14.23 -9.29
CA TYR C 128 6.84 -15.22 -10.37
C TYR C 128 7.44 -14.61 -11.64
N TRP C 129 8.42 -15.31 -12.21
CA TRP C 129 9.10 -14.85 -13.41
C TRP C 129 8.88 -15.82 -14.58
N GLY C 130 8.69 -15.28 -15.78
CA GLY C 130 8.51 -16.09 -16.96
C GLY C 130 9.81 -16.67 -17.48
N GLN C 131 9.72 -17.50 -18.51
CA GLN C 131 10.90 -18.15 -19.09
C GLN C 131 11.84 -17.13 -19.73
N GLY C 132 11.26 -16.10 -20.32
CA GLY C 132 12.04 -15.04 -20.93
C GLY C 132 12.20 -15.19 -22.43
N THR C 133 12.06 -14.08 -23.15
CA THR C 133 12.26 -14.07 -24.59
C THR C 133 13.47 -13.19 -24.95
N THR C 134 14.23 -13.61 -25.95
CA THR C 134 15.48 -12.93 -26.30
C THR C 134 15.29 -11.96 -27.46
N LEU C 135 15.76 -10.73 -27.26
CA LEU C 135 15.77 -9.73 -28.32
C LEU C 135 17.18 -9.24 -28.62
N THR C 136 17.58 -9.35 -29.88
CA THR C 136 18.88 -8.85 -30.31
C THR C 136 18.72 -7.71 -31.30
N VAL C 137 19.15 -6.52 -30.90
CA VAL C 137 19.09 -5.35 -31.77
C VAL C 137 20.46 -5.05 -32.35
N SER C 138 20.67 -5.50 -33.59
CA SER C 138 21.96 -5.32 -34.25
C SER C 138 21.78 -4.95 -35.72
N SER C 139 22.81 -4.34 -36.29
CA SER C 139 22.80 -3.98 -37.71
C SER C 139 23.43 -5.08 -38.54
N ALA C 140 24.10 -6.02 -37.86
CA ALA C 140 24.72 -7.15 -38.53
C ALA C 140 23.67 -8.02 -39.22
N LYS C 141 24.09 -8.77 -40.22
CA LYS C 141 23.17 -9.58 -41.00
C LYS C 141 23.37 -11.06 -40.76
N THR C 142 22.29 -11.83 -40.83
CA THR C 142 22.32 -13.26 -40.53
C THR C 142 23.20 -14.04 -41.50
N THR C 143 24.18 -14.77 -40.94
CA THR C 143 25.05 -15.62 -41.74
C THR C 143 25.09 -17.04 -41.18
N ALA C 144 25.32 -18.01 -42.06
CA ALA C 144 25.34 -19.41 -41.67
C ALA C 144 26.72 -19.83 -41.16
N PRO C 145 26.76 -20.69 -40.13
CA PRO C 145 28.02 -21.14 -39.55
C PRO C 145 28.76 -22.18 -40.40
N SER C 146 30.09 -22.18 -40.30
CA SER C 146 30.90 -23.21 -40.93
C SER C 146 31.42 -24.16 -39.84
N VAL C 147 31.00 -25.42 -39.91
CA VAL C 147 31.36 -26.38 -38.88
C VAL C 147 32.58 -27.21 -39.26
N TYR C 148 33.62 -27.12 -38.44
CA TYR C 148 34.87 -27.82 -38.69
C TYR C 148 35.11 -28.93 -37.67
N PRO C 149 35.27 -30.17 -38.14
CA PRO C 149 35.64 -31.28 -37.24
C PRO C 149 37.10 -31.15 -36.78
N LEU C 150 37.34 -31.35 -35.50
CA LEU C 150 38.69 -31.21 -34.95
C LEU C 150 39.28 -32.56 -34.54
N ALA C 151 40.39 -32.96 -35.12
CA ALA C 151 40.78 -34.32 -34.94
C ALA C 151 42.22 -34.40 -34.61
N PRO C 152 42.52 -35.33 -33.72
CA PRO C 152 43.80 -35.37 -33.04
C PRO C 152 44.90 -35.55 -34.04
N VAL C 153 46.02 -34.90 -33.80
CA VAL C 153 47.13 -34.97 -34.74
C VAL C 153 47.08 -36.17 -35.67
N GLY C 159 47.13 -43.36 -25.82
CA GLY C 159 46.59 -42.36 -24.92
C GLY C 159 45.37 -42.83 -24.16
N SER C 160 45.49 -42.91 -22.84
CA SER C 160 44.40 -43.39 -22.04
C SER C 160 43.03 -42.97 -22.57
N SER C 161 42.89 -41.71 -22.92
CA SER C 161 41.63 -41.18 -23.44
C SER C 161 41.87 -40.16 -24.53
N VAL C 162 41.10 -40.24 -25.60
CA VAL C 162 41.24 -39.32 -26.72
C VAL C 162 40.20 -38.21 -26.65
N THR C 163 40.63 -36.97 -26.87
CA THR C 163 39.72 -35.84 -26.87
C THR C 163 39.72 -35.15 -28.23
N LEU C 164 38.54 -35.03 -28.82
CA LEU C 164 38.39 -34.37 -30.11
C LEU C 164 37.43 -33.19 -29.99
N GLY C 165 37.30 -32.40 -31.05
CA GLY C 165 36.51 -31.18 -30.98
C GLY C 165 35.62 -30.88 -32.18
N CYS C 166 34.97 -29.73 -32.13
CA CYS C 166 34.05 -29.29 -33.17
C CYS C 166 33.98 -27.78 -33.23
N LEU C 167 34.69 -27.20 -34.19
CA LEU C 167 34.75 -25.75 -34.32
C LEU C 167 33.60 -25.18 -35.14
N VAL C 168 32.81 -24.31 -34.53
CA VAL C 168 31.70 -23.64 -35.21
C VAL C 168 32.02 -22.16 -35.35
N LYS C 169 32.40 -21.74 -36.55
CA LYS C 169 32.95 -20.40 -36.75
C LYS C 169 32.12 -19.53 -37.68
N GLY C 170 31.95 -18.27 -37.29
CA GLY C 170 31.35 -17.25 -38.15
C GLY C 170 29.86 -17.38 -38.41
N TYR C 171 29.06 -17.22 -37.36
CA TYR C 171 27.61 -17.21 -37.53
C TYR C 171 26.98 -16.03 -36.78
N PHE C 172 25.76 -15.68 -37.15
CA PHE C 172 25.02 -14.67 -36.45
C PHE C 172 23.58 -14.94 -36.79
N PRO C 173 22.53 -14.54 -35.91
CA PRO C 173 22.93 -14.22 -34.55
C PRO C 173 22.87 -15.46 -33.70
N GLU C 174 23.02 -15.31 -32.40
CA GLU C 174 22.90 -16.42 -31.49
C GLU C 174 21.44 -16.76 -31.57
N PRO C 175 21.00 -18.08 -31.40
CA PRO C 175 21.96 -19.04 -30.87
C PRO C 175 22.19 -20.23 -31.77
N VAL C 176 22.93 -21.24 -31.31
CA VAL C 176 23.14 -22.49 -32.04
C VAL C 176 22.96 -23.73 -31.15
N THR C 177 22.77 -24.92 -31.72
CA THR C 177 22.56 -26.12 -30.93
C THR C 177 23.58 -27.19 -31.27
N LEU C 178 24.56 -27.37 -30.38
CA LEU C 178 25.62 -28.34 -30.62
C LEU C 178 25.51 -29.51 -29.63
N THR C 179 25.45 -30.72 -30.18
CA THR C 179 25.47 -31.94 -29.38
C THR C 179 26.36 -32.97 -30.06
N TRP C 180 26.61 -34.09 -29.38
CA TRP C 180 27.50 -35.11 -29.91
C TRP C 180 26.80 -36.46 -30.09
N ASN C 181 26.95 -37.03 -31.28
CA ASN C 181 26.26 -38.26 -31.66
C ASN C 181 24.77 -38.16 -31.40
N SER C 182 24.20 -37.04 -31.85
CA SER C 182 22.77 -36.75 -31.72
C SER C 182 22.32 -36.69 -30.25
N GLY C 183 23.21 -36.25 -29.38
CA GLY C 183 22.88 -36.01 -27.99
C GLY C 183 22.80 -37.23 -27.10
N SER C 184 23.48 -38.30 -27.50
CA SER C 184 23.54 -39.50 -26.68
C SER C 184 24.47 -39.29 -25.49
N LEU C 185 25.46 -38.42 -25.68
CA LEU C 185 26.43 -38.11 -24.64
C LEU C 185 25.99 -36.89 -23.84
N SER C 186 26.26 -36.91 -22.54
CA SER C 186 25.81 -35.84 -21.65
C SER C 186 26.98 -35.15 -20.96
N SER C 187 28.05 -35.91 -20.69
CA SER C 187 29.24 -35.34 -20.07
C SER C 187 30.51 -36.00 -20.61
N GLY C 188 31.63 -35.33 -20.37
CA GLY C 188 32.86 -35.64 -21.10
C GLY C 188 32.88 -34.65 -22.24
N VAL C 189 31.84 -33.81 -22.27
CA VAL C 189 31.65 -32.80 -23.31
C VAL C 189 31.66 -31.40 -22.70
N HIS C 190 32.37 -30.48 -23.34
CA HIS C 190 32.41 -29.09 -22.91
C HIS C 190 32.05 -28.15 -24.06
N THR C 191 30.85 -27.58 -24.00
CA THR C 191 30.42 -26.62 -25.01
C THR C 191 30.71 -25.19 -24.56
N PHE C 192 31.69 -24.56 -25.19
CA PHE C 192 32.11 -23.22 -24.84
C PHE C 192 31.16 -22.19 -25.45
N PRO C 193 30.84 -21.13 -24.68
CA PRO C 193 29.92 -20.09 -25.14
C PRO C 193 30.46 -19.31 -26.33
N ALA C 194 29.56 -18.78 -27.16
CA ALA C 194 29.96 -18.04 -28.35
C ALA C 194 30.54 -16.67 -27.98
N VAL C 195 31.59 -16.28 -28.71
CA VAL C 195 32.21 -14.97 -28.51
C VAL C 195 32.12 -14.14 -29.78
N LEU C 196 31.49 -12.98 -29.69
CA LEU C 196 31.28 -12.14 -30.86
C LEU C 196 32.57 -11.48 -31.34
N GLN C 197 32.79 -11.52 -32.65
CA GLN C 197 33.96 -10.91 -33.27
C GLN C 197 33.65 -10.57 -34.72
N SER C 198 33.81 -9.30 -35.08
CA SER C 198 33.52 -8.81 -36.43
C SER C 198 32.09 -9.16 -36.85
N ASP C 199 31.14 -8.89 -35.97
CA ASP C 199 29.73 -9.19 -36.20
C ASP C 199 29.49 -10.68 -36.46
N LEU C 200 30.39 -11.52 -35.95
CA LEU C 200 30.29 -12.97 -36.15
C LEU C 200 30.60 -13.72 -34.85
N TYR C 201 29.89 -14.81 -34.62
CA TYR C 201 30.11 -15.63 -33.43
C TYR C 201 30.95 -16.86 -33.74
N THR C 202 31.89 -17.16 -32.85
CA THR C 202 32.71 -18.36 -32.97
C THR C 202 32.52 -19.25 -31.75
N LEU C 203 31.92 -20.41 -31.96
CA LEU C 203 31.66 -21.35 -30.88
C LEU C 203 32.43 -22.64 -31.11
N SER C 204 32.79 -23.31 -30.01
CA SER C 204 33.51 -24.58 -30.11
C SER C 204 33.03 -25.55 -29.04
N SER C 205 33.34 -26.83 -29.22
CA SER C 205 32.94 -27.85 -28.27
C SER C 205 33.86 -29.06 -28.32
N SER C 206 34.28 -29.52 -27.15
CA SER C 206 35.17 -30.68 -27.05
C SER C 206 34.48 -31.84 -26.35
N VAL C 207 34.73 -33.06 -26.83
CA VAL C 207 34.20 -34.25 -26.18
C VAL C 207 35.33 -35.23 -25.89
N THR C 208 35.32 -35.80 -24.68
CA THR C 208 36.36 -36.74 -24.27
C THR C 208 35.80 -38.15 -24.21
N VAL C 209 36.47 -39.07 -24.90
CA VAL C 209 36.05 -40.47 -24.91
C VAL C 209 37.24 -41.39 -24.61
N THR C 210 36.98 -42.68 -24.46
CA THR C 210 38.03 -43.66 -24.25
C THR C 210 38.82 -43.88 -25.54
N SER C 211 40.06 -44.31 -25.41
CA SER C 211 40.92 -44.53 -26.57
C SER C 211 40.48 -45.76 -27.37
N SER C 212 39.60 -46.55 -26.78
CA SER C 212 39.08 -47.75 -27.43
C SER C 212 37.88 -47.43 -28.31
N THR C 213 37.02 -46.59 -27.73
CA THR C 213 35.67 -46.31 -28.20
C THR C 213 35.70 -45.68 -29.56
N TRP C 214 36.67 -44.81 -29.75
CA TRP C 214 36.90 -44.12 -30.99
C TRP C 214 38.33 -44.52 -31.28
N PRO C 215 38.75 -44.78 -32.60
CA PRO C 215 37.82 -44.38 -33.67
C PRO C 215 36.95 -45.49 -34.17
N SER C 216 36.87 -46.55 -33.37
CA SER C 216 36.16 -47.75 -33.74
C SER C 216 34.69 -47.43 -33.87
N GLN C 217 34.25 -46.51 -33.04
CA GLN C 217 32.95 -45.90 -33.18
C GLN C 217 33.07 -44.73 -34.14
N SER C 218 31.94 -44.28 -34.66
CA SER C 218 31.83 -43.07 -35.45
C SER C 218 31.21 -41.94 -34.65
N ILE C 219 32.02 -41.28 -33.82
CA ILE C 219 31.57 -40.12 -33.07
C ILE C 219 31.31 -38.97 -34.04
N THR C 220 30.20 -38.26 -33.85
CA THR C 220 29.87 -37.14 -34.74
C THR C 220 29.39 -35.91 -33.97
N CYS C 221 29.77 -34.75 -34.48
CA CYS C 221 29.31 -33.46 -33.96
C CYS C 221 28.14 -32.94 -34.79
N ASN C 222 27.04 -32.58 -34.15
CA ASN C 222 25.96 -31.94 -34.89
C ASN C 222 25.77 -30.49 -34.46
N VAL C 223 25.36 -29.66 -35.41
CA VAL C 223 25.15 -28.23 -35.16
C VAL C 223 23.86 -27.78 -35.80
N ALA C 224 23.05 -27.05 -35.05
CA ALA C 224 21.76 -26.59 -35.56
C ALA C 224 21.57 -25.09 -35.32
N HIS C 225 21.66 -24.31 -36.39
CA HIS C 225 21.43 -22.87 -36.33
C HIS C 225 20.12 -22.51 -37.01
N PRO C 226 19.07 -22.24 -36.22
CA PRO C 226 17.71 -21.99 -36.70
C PRO C 226 17.57 -20.76 -37.60
N ALA C 227 18.25 -19.68 -37.26
CA ALA C 227 18.09 -18.41 -37.97
C ALA C 227 18.48 -18.48 -39.43
N SER C 228 19.42 -19.38 -39.77
CA SER C 228 19.91 -19.48 -41.13
C SER C 228 19.54 -20.80 -41.79
N SER C 229 18.79 -21.63 -41.06
CA SER C 229 18.36 -22.95 -41.54
C SER C 229 19.55 -23.82 -41.93
N THR C 230 20.54 -23.90 -41.05
CA THR C 230 21.76 -24.65 -41.32
C THR C 230 21.94 -25.80 -40.34
N LYS C 231 21.68 -27.02 -40.81
CA LYS C 231 21.76 -28.20 -39.97
C LYS C 231 22.85 -29.15 -40.45
N VAL C 232 23.91 -29.30 -39.65
CA VAL C 232 25.07 -30.08 -40.07
C VAL C 232 25.45 -31.20 -39.10
N ASP C 233 25.96 -32.29 -39.64
CA ASP C 233 26.56 -33.37 -38.85
C ASP C 233 27.98 -33.62 -39.33
N LYS C 234 28.91 -33.82 -38.40
CA LYS C 234 30.33 -33.80 -38.73
C LYS C 234 31.14 -34.96 -38.14
N LYS C 235 30.88 -36.18 -38.60
CA LYS C 235 31.56 -37.36 -38.05
C LYS C 235 33.07 -37.28 -38.29
N ILE C 236 33.83 -37.51 -37.23
CA ILE C 236 35.26 -37.22 -37.22
C ILE C 236 36.12 -38.46 -37.50
N GLU C 237 37.09 -38.31 -38.39
CA GLU C 237 37.92 -39.42 -38.83
C GLU C 237 39.40 -39.17 -38.60
N PRO C 238 40.19 -40.24 -38.40
CA PRO C 238 41.63 -40.13 -38.17
C PRO C 238 42.44 -39.90 -39.44
N ARG C 239 43.61 -39.26 -39.29
CA ARG C 239 44.59 -39.04 -40.35
C ARG C 239 44.01 -38.88 -41.77
#